data_6LEW
#
_entry.id   6LEW
#
_cell.length_a   85.786
_cell.length_b   88.022
_cell.length_c   89.349
_cell.angle_alpha   90.000
_cell.angle_beta   104.770
_cell.angle_gamma   90.000
#
_symmetry.space_group_name_H-M   'P 1 21 1'
#
loop_
_entity.id
_entity.type
_entity.pdbx_description
1 polymer 'TAL effector'
2 polymer "DNA (5'-D(*TP*GP*TP*CP*CP*CP*TP*TP*(5CM)P*GP*CP*GP*TP*CP*TP*CP*T)-3')"
3 polymer "DNA (5'-D(P*GP*AP*GP*AP*CP*GP*CP*GP*AP*AP*GP*GP*GP*AP*CP*A)-3')"
4 water water
#
loop_
_entity_poly.entity_id
_entity_poly.type
_entity_poly.pdbx_seq_one_letter_code
_entity_poly.pdbx_strand_id
1 'polypeptide(L)'
;MQWSGARALEALLTVAGELRGPPLQLDTGQLLKIAKRGGVTAVEAVHAWRNALTGAPLNLTPEQVVAIASHDGGKQALET
VQRLLPVLCQAHGLTPQQVVAIASHDGGKQALETVQRLLPVLCQAHGLTPEQVVAIASHDGGKQALETVQALLPVLCQAH
GLTPEQVVAIASNGGGKQALETVQRLLPVLCQAHGLTPQQVVAIASNGGGKQALETVQRLLPVLCQAHGLTPQQVVAIAS
HAGGKQALETVQRLLPVLCQAHGLTPQQVVAIASNNGGKQALETVQRLLPVLCQAHGLTPQQVVAIASHDGGKQALETVQ
RLLPVLCQAHGLTPQQVVAIASNNGGKQALETVQRLLPVLCQAHGLTPEQVVAIASNGGGKQALETVQRLLPVLCQAHGL
TPEQVVAIASHDGGKQALETVQRLLPVLCQAHGLTPQQVVAIASNGGGRPALESIVAQLSRPDPALAALTNDHLVALACL
GGRPALDAVKKLEHHHHHH
;
A,B
2 'polydeoxyribonucleotide' (DT)(DG)(DT)(DC)(DC)(DC)(DT)(DT)(5CM)(DG)(DC)(DG)(DT)(DC)(DT)(DC)(DT) I,C
3 'polydeoxyribonucleotide' (DA)(DG)(DA)(DG)(DA)(DC)(DG)(DC)(DG)(DA)(DA)(DG)(DG)(DG)(DA)(DC)(DA) J,D
#
loop_
_chem_comp.id
_chem_comp.type
_chem_comp.name
_chem_comp.formula
5CM DNA linking 5-METHYL-2'-DEOXY-CYTIDINE-5'-MONOPHOSPHATE 'C10 H16 N3 O7 P'
DA DNA linking 2'-DEOXYADENOSINE-5'-MONOPHOSPHATE 'C10 H14 N5 O6 P'
DC DNA linking 2'-DEOXYCYTIDINE-5'-MONOPHOSPHATE 'C9 H14 N3 O7 P'
DG DNA linking 2'-DEOXYGUANOSINE-5'-MONOPHOSPHATE 'C10 H14 N5 O7 P'
DT DNA linking THYMIDINE-5'-MONOPHOSPHATE 'C10 H15 N2 O8 P'
#
# COMPACT_ATOMS: atom_id res chain seq x y z
N GLY A 5 -14.94 -57.45 -5.43
CA GLY A 5 -14.98 -57.78 -3.96
C GLY A 5 -16.33 -58.29 -3.45
N ALA A 6 -16.33 -59.19 -2.46
CA ALA A 6 -17.58 -59.67 -1.89
C ALA A 6 -17.43 -60.25 -0.47
N ARG A 7 -18.27 -59.78 0.47
CA ARG A 7 -18.24 -60.18 1.89
C ARG A 7 -16.82 -60.24 2.59
N ALA A 8 -15.82 -59.60 1.94
CA ALA A 8 -14.74 -58.82 2.59
C ALA A 8 -15.11 -57.30 2.68
N LEU A 9 -16.37 -56.98 2.47
CA LEU A 9 -17.00 -55.78 3.06
C LEU A 9 -16.92 -55.84 4.60
N GLU A 10 -17.01 -57.05 5.17
CA GLU A 10 -16.91 -57.24 6.60
C GLU A 10 -15.55 -56.76 7.17
N ALA A 11 -14.47 -57.11 6.47
CA ALA A 11 -13.12 -56.74 6.85
C ALA A 11 -12.98 -55.21 6.89
N LEU A 12 -13.50 -54.57 5.85
CA LEU A 12 -13.50 -53.12 5.79
C LEU A 12 -14.35 -52.45 6.89
N LEU A 13 -15.45 -53.08 7.27
CA LEU A 13 -16.31 -52.51 8.31
C LEU A 13 -15.70 -52.75 9.69
N THR A 14 -14.93 -53.82 9.78
CA THR A 14 -14.20 -54.08 10.99
C THR A 14 -13.06 -53.04 11.15
N VAL A 15 -12.43 -52.67 10.05
CA VAL A 15 -11.37 -51.65 10.06
C VAL A 15 -11.91 -50.27 10.46
N ALA A 16 -13.04 -49.90 9.87
CA ALA A 16 -13.74 -48.67 10.26
C ALA A 16 -14.20 -48.72 11.72
N GLY A 17 -14.64 -49.88 12.17
CA GLY A 17 -14.99 -50.06 13.57
C GLY A 17 -13.85 -49.81 14.57
N GLU A 18 -12.63 -50.19 14.21
CA GLU A 18 -11.50 -50.11 15.13
C GLU A 18 -10.91 -48.67 15.15
N LEU A 19 -11.16 -47.93 14.08
CA LEU A 19 -10.90 -46.51 14.10
C LEU A 19 -11.75 -45.71 15.11
N ARG A 20 -12.89 -46.28 15.55
CA ARG A 20 -13.70 -45.65 16.60
C ARG A 20 -13.04 -45.81 17.95
N GLY A 21 -12.15 -46.80 18.01
CA GLY A 21 -11.35 -47.06 19.18
C GLY A 21 -10.16 -46.12 19.24
N PRO A 22 -9.37 -46.27 20.29
CA PRO A 22 -8.23 -45.40 20.51
C PRO A 22 -6.99 -45.74 19.69
N PRO A 23 -6.45 -44.73 19.00
CA PRO A 23 -5.68 -43.54 19.36
C PRO A 23 -6.56 -42.39 18.80
N LEU A 24 -7.33 -42.66 17.73
CA LEU A 24 -8.06 -41.63 16.95
C LEU A 24 -9.46 -41.36 17.49
N GLN A 25 -10.14 -42.43 17.87
CA GLN A 25 -11.47 -42.36 18.40
C GLN A 25 -12.39 -41.58 17.47
N LEU A 26 -12.41 -41.95 16.20
CA LEU A 26 -13.27 -41.29 15.21
C LEU A 26 -14.76 -41.56 15.39
N ASP A 27 -15.57 -40.59 15.03
CA ASP A 27 -17.00 -40.77 15.08
C ASP A 27 -17.51 -40.99 13.65
N THR A 28 -18.83 -41.19 13.52
CA THR A 28 -19.45 -41.46 12.22
C THR A 28 -19.17 -40.41 11.16
N GLY A 29 -19.32 -39.15 11.55
CA GLY A 29 -19.10 -38.04 10.64
C GLY A 29 -17.72 -38.08 10.02
N GLN A 30 -16.72 -38.36 10.84
CA GLN A 30 -15.36 -38.33 10.35
C GLN A 30 -15.05 -39.51 9.43
N LEU A 31 -15.56 -40.67 9.80
CA LEU A 31 -15.46 -41.86 8.99
C LEU A 31 -16.14 -41.66 7.65
N LEU A 32 -17.31 -41.05 7.70
CA LEU A 32 -18.07 -40.76 6.51
C LEU A 32 -17.30 -39.82 5.59
N LYS A 33 -16.66 -38.82 6.18
CA LYS A 33 -15.89 -37.86 5.44
C LYS A 33 -14.68 -38.54 4.74
N ILE A 34 -14.00 -39.44 5.44
CA ILE A 34 -12.85 -40.10 4.83
C ILE A 34 -13.32 -41.03 3.73
N ALA A 35 -14.39 -41.78 3.99
CA ALA A 35 -14.89 -42.68 2.98
C ALA A 35 -15.31 -41.92 1.68
N LYS A 36 -16.06 -40.82 1.83
CA LYS A 36 -16.53 -40.04 0.68
C LYS A 36 -15.43 -39.39 -0.15
N ARG A 37 -14.33 -38.98 0.44
CA ARG A 37 -13.37 -38.33 -0.42
C ARG A 37 -12.02 -38.99 -0.50
N GLY A 38 -11.61 -39.73 0.51
CA GLY A 38 -10.38 -40.51 0.38
C GLY A 38 -10.55 -41.92 -0.16
N GLY A 39 -11.75 -42.49 -0.02
CA GLY A 39 -12.05 -43.82 -0.53
C GLY A 39 -11.66 -44.90 0.44
N VAL A 40 -11.88 -46.14 0.07
CA VAL A 40 -11.49 -47.24 0.96
C VAL A 40 -9.98 -47.29 1.25
N THR A 41 -9.15 -46.96 0.29
CA THR A 41 -7.73 -47.17 0.57
C THR A 41 -7.23 -46.13 1.58
N ALA A 42 -7.88 -44.97 1.62
CA ALA A 42 -7.58 -43.96 2.63
C ALA A 42 -8.01 -44.40 4.00
N VAL A 43 -9.18 -45.02 4.05
CA VAL A 43 -9.65 -45.59 5.29
C VAL A 43 -8.67 -46.67 5.83
N GLU A 44 -8.10 -47.47 4.94
CA GLU A 44 -7.20 -48.60 5.33
C GLU A 44 -5.84 -48.11 5.74
N ALA A 45 -5.37 -47.07 5.07
CA ALA A 45 -4.14 -46.40 5.46
C ALA A 45 -4.20 -45.76 6.85
N VAL A 46 -5.33 -45.12 7.14
CA VAL A 46 -5.49 -44.47 8.42
C VAL A 46 -5.40 -45.51 9.48
N HIS A 47 -6.13 -46.60 9.27
CA HIS A 47 -6.09 -47.69 10.18
C HIS A 47 -4.67 -48.28 10.36
N ALA A 48 -3.98 -48.50 9.24
CA ALA A 48 -2.61 -49.05 9.25
C ALA A 48 -1.61 -48.18 9.97
N TRP A 49 -1.62 -46.89 9.70
CA TRP A 49 -0.65 -46.02 10.33
C TRP A 49 -1.19 -45.14 11.49
N ARG A 50 -2.31 -45.53 12.09
CA ARG A 50 -2.92 -44.69 13.14
C ARG A 50 -2.00 -44.42 14.30
N ASN A 51 -1.10 -45.35 14.61
CA ASN A 51 -0.19 -45.14 15.75
C ASN A 51 0.99 -44.24 15.41
N ALA A 52 1.60 -44.49 14.24
CA ALA A 52 2.69 -43.70 13.71
C ALA A 52 2.31 -42.23 13.53
N LEU A 53 1.12 -41.99 13.02
CA LEU A 53 0.63 -40.64 12.78
C LEU A 53 0.37 -39.90 14.08
N THR A 54 -0.05 -40.64 15.09
CA THR A 54 -0.48 -40.04 16.34
C THR A 54 0.63 -39.76 17.33
N GLY A 55 1.80 -40.39 17.16
CA GLY A 55 2.89 -40.18 18.11
C GLY A 55 4.19 -39.81 17.45
N ALA A 56 5.28 -40.26 18.04
CA ALA A 56 6.59 -40.34 17.38
C ALA A 56 7.03 -38.92 17.25
N PRO A 57 7.48 -38.48 16.06
CA PRO A 57 7.71 -37.02 16.03
C PRO A 57 6.62 -36.28 15.29
N LEU A 58 5.58 -36.98 14.87
CA LEU A 58 4.44 -36.35 14.19
C LEU A 58 3.44 -35.77 15.20
N ASN A 59 2.93 -36.58 16.13
CA ASN A 59 2.03 -36.08 17.18
C ASN A 59 0.73 -35.42 16.66
N LEU A 60 0.16 -35.98 15.60
CA LEU A 60 -1.03 -35.39 14.98
C LEU A 60 -2.31 -35.63 15.77
N THR A 61 -3.23 -34.69 15.74
CA THR A 61 -4.53 -34.84 16.39
C THR A 61 -5.40 -35.60 15.42
N PRO A 62 -6.43 -36.31 15.91
CA PRO A 62 -7.29 -37.04 14.97
C PRO A 62 -7.93 -36.13 13.92
N GLU A 63 -8.21 -34.88 14.28
CA GLU A 63 -8.82 -33.93 13.32
C GLU A 63 -7.83 -33.66 12.20
N GLN A 64 -6.56 -33.61 12.54
CA GLN A 64 -5.53 -33.43 11.55
C GLN A 64 -5.35 -34.63 10.61
N VAL A 65 -5.50 -35.82 11.19
CA VAL A 65 -5.39 -37.04 10.40
C VAL A 65 -6.55 -37.14 9.43
N VAL A 66 -7.73 -36.78 9.90
CA VAL A 66 -8.93 -36.82 9.06
C VAL A 66 -8.81 -35.86 7.89
N ALA A 67 -8.28 -34.68 8.15
CA ALA A 67 -8.11 -33.69 7.10
C ALA A 67 -7.16 -34.15 6.02
N ILE A 68 -6.07 -34.80 6.39
CA ILE A 68 -5.16 -35.34 5.40
C ILE A 68 -5.77 -36.54 4.66
N ALA A 69 -6.43 -37.42 5.38
CA ALA A 69 -6.96 -38.59 4.72
C ALA A 69 -8.09 -38.32 3.73
N SER A 70 -8.83 -37.21 3.92
CA SER A 70 -10.09 -36.99 3.17
C SER A 70 -9.99 -36.29 1.80
N HIS A 71 -9.09 -36.81 0.96
CA HIS A 71 -8.88 -36.32 -0.40
C HIS A 71 -8.41 -37.45 -1.29
N ASP A 72 -8.59 -37.29 -2.59
CA ASP A 72 -8.01 -38.25 -3.52
C ASP A 72 -6.52 -38.35 -3.28
N GLY A 73 -5.97 -39.56 -3.23
CA GLY A 73 -4.57 -39.81 -2.91
C GLY A 73 -4.27 -39.73 -1.44
N GLY A 74 -5.30 -39.56 -0.62
CA GLY A 74 -5.10 -39.37 0.82
C GLY A 74 -4.07 -40.29 1.42
N LYS A 75 -4.12 -41.55 1.07
CA LYS A 75 -3.09 -42.54 1.47
C LYS A 75 -1.69 -42.12 1.10
N GLN A 76 -1.51 -41.55 -0.10
CA GLN A 76 -0.19 -41.01 -0.45
C GLN A 76 0.20 -39.86 0.48
N ALA A 77 -0.76 -38.97 0.78
CA ALA A 77 -0.54 -37.82 1.65
C ALA A 77 -0.11 -38.20 3.06
N LEU A 78 -0.80 -39.19 3.60
CA LEU A 78 -0.47 -39.72 4.93
C LEU A 78 0.90 -40.37 4.99
N GLU A 79 1.25 -41.08 3.92
CA GLU A 79 2.56 -41.67 3.81
C GLU A 79 3.67 -40.63 3.74
N THR A 80 3.45 -39.61 2.93
CA THR A 80 4.42 -38.58 2.70
C THR A 80 4.56 -37.67 3.87
N VAL A 81 3.46 -37.34 4.52
CA VAL A 81 3.48 -36.56 5.79
C VAL A 81 4.40 -37.20 6.84
N GLN A 82 4.26 -38.51 7.02
CA GLN A 82 5.12 -39.26 7.93
C GLN A 82 6.56 -39.15 7.54
N ARG A 83 6.82 -39.08 6.23
CA ARG A 83 8.20 -38.91 5.72
C ARG A 83 8.74 -37.47 5.83
N LEU A 84 7.91 -36.46 5.60
CA LEU A 84 8.41 -35.08 5.43
C LEU A 84 8.05 -34.10 6.52
N LEU A 85 7.09 -34.39 7.39
CA LEU A 85 6.72 -33.35 8.34
C LEU A 85 7.95 -32.86 9.14
N PRO A 86 8.73 -33.77 9.72
CA PRO A 86 9.84 -33.34 10.57
C PRO A 86 10.87 -32.47 9.88
N VAL A 87 11.21 -32.80 8.65
CA VAL A 87 12.21 -32.03 7.92
C VAL A 87 11.64 -30.67 7.49
N LEU A 88 10.41 -30.63 7.04
CA LEU A 88 9.73 -29.37 6.78
C LEU A 88 9.60 -28.48 8.02
N CYS A 89 9.33 -29.07 9.17
CA CYS A 89 9.29 -28.27 10.39
C CYS A 89 10.65 -27.72 10.84
N GLN A 90 11.64 -28.60 10.92
CA GLN A 90 12.90 -28.29 11.53
C GLN A 90 13.86 -27.53 10.64
N ALA A 91 13.91 -27.91 9.38
CA ALA A 91 14.86 -27.36 8.44
C ALA A 91 14.29 -26.15 7.72
N HIS A 92 12.98 -26.13 7.48
CA HIS A 92 12.36 -25.03 6.76
C HIS A 92 11.54 -24.05 7.57
N GLY A 93 11.43 -24.26 8.88
CA GLY A 93 10.73 -23.32 9.74
C GLY A 93 9.22 -23.51 9.87
N LEU A 94 8.60 -24.29 9.01
CA LEU A 94 7.12 -24.41 9.03
C LEU A 94 6.60 -25.07 10.31
N THR A 95 5.36 -24.81 10.65
CA THR A 95 4.75 -25.46 11.80
C THR A 95 3.99 -26.70 11.32
N PRO A 96 3.69 -27.62 12.24
CA PRO A 96 2.95 -28.80 11.84
C PRO A 96 1.64 -28.47 11.17
N GLN A 97 0.95 -27.41 11.64
CA GLN A 97 -0.36 -27.01 11.08
C GLN A 97 -0.21 -26.68 9.61
N GLN A 98 0.89 -26.03 9.28
CA GLN A 98 1.12 -25.61 7.92
C GLN A 98 1.37 -26.81 7.02
N VAL A 99 2.09 -27.78 7.56
CA VAL A 99 2.38 -29.01 6.85
C VAL A 99 1.10 -29.81 6.60
N VAL A 100 0.23 -29.83 7.58
CA VAL A 100 -1.06 -30.46 7.44
C VAL A 100 -1.89 -29.73 6.44
N ALA A 101 -1.74 -28.41 6.35
CA ALA A 101 -2.58 -27.63 5.41
C ALA A 101 -2.17 -27.87 4.00
N ILE A 102 -0.88 -27.98 3.77
CA ILE A 102 -0.39 -28.38 2.45
C ILE A 102 -0.85 -29.78 2.10
N ALA A 103 -0.84 -30.68 3.08
CA ALA A 103 -1.15 -32.08 2.84
C ALA A 103 -2.62 -32.35 2.65
N SER A 104 -3.49 -31.44 3.11
CA SER A 104 -4.95 -31.62 3.03
C SER A 104 -5.65 -31.22 1.73
N HIS A 105 -5.13 -31.69 0.61
CA HIS A 105 -5.73 -31.43 -0.70
C HIS A 105 -5.47 -32.64 -1.51
N ASP A 106 -6.22 -32.77 -2.60
CA ASP A 106 -5.98 -33.80 -3.58
C ASP A 106 -4.55 -33.62 -4.06
N GLY A 107 -3.81 -34.72 -4.17
CA GLY A 107 -2.43 -34.65 -4.61
C GLY A 107 -1.51 -34.11 -3.55
N GLY A 108 -1.96 -34.12 -2.31
CA GLY A 108 -1.14 -33.63 -1.18
C GLY A 108 0.31 -34.08 -1.21
N LYS A 109 0.53 -35.33 -1.56
CA LYS A 109 1.90 -35.86 -1.63
C LYS A 109 2.82 -35.01 -2.50
N GLN A 110 2.31 -34.65 -3.66
CA GLN A 110 3.09 -33.90 -4.65
C GLN A 110 3.42 -32.52 -4.14
N ALA A 111 2.42 -31.90 -3.52
CA ALA A 111 2.63 -30.58 -2.98
C ALA A 111 3.69 -30.59 -1.89
N LEU A 112 3.58 -31.55 -0.98
CA LEU A 112 4.60 -31.66 0.07
C LEU A 112 5.99 -31.88 -0.49
N GLU A 113 6.15 -32.81 -1.43
CA GLU A 113 7.47 -33.00 -2.08
C GLU A 113 7.97 -31.79 -2.88
N THR A 114 7.07 -31.03 -3.46
CA THR A 114 7.51 -29.89 -4.19
C THR A 114 7.95 -28.77 -3.25
N VAL A 115 7.22 -28.57 -2.16
CA VAL A 115 7.59 -27.56 -1.16
C VAL A 115 8.96 -27.88 -0.61
N GLN A 116 9.18 -29.13 -0.26
CA GLN A 116 10.51 -29.57 0.15
C GLN A 116 11.55 -29.12 -0.86
N ARG A 117 11.31 -29.42 -2.12
CA ARG A 117 12.24 -29.14 -3.19
C ARG A 117 12.35 -27.62 -3.53
N LEU A 118 11.23 -26.90 -3.58
CA LEU A 118 11.24 -25.53 -4.10
C LEU A 118 11.22 -24.39 -3.06
N LEU A 119 10.78 -24.64 -1.83
CA LEU A 119 10.68 -23.53 -0.89
C LEU A 119 11.94 -22.69 -0.75
N PRO A 120 13.11 -23.33 -0.68
CA PRO A 120 14.31 -22.53 -0.52
C PRO A 120 14.52 -21.58 -1.70
N VAL A 121 14.40 -22.07 -2.93
CA VAL A 121 14.73 -21.27 -4.11
C VAL A 121 13.74 -20.12 -4.24
N LEU A 122 12.49 -20.42 -3.96
CA LEU A 122 11.43 -19.41 -4.01
C LEU A 122 11.62 -18.29 -2.98
N CYS A 123 12.08 -18.65 -1.79
CA CYS A 123 12.43 -17.62 -0.82
C CYS A 123 13.70 -16.89 -1.24
N GLN A 124 14.76 -17.62 -1.52
CA GLN A 124 16.05 -16.96 -1.74
C GLN A 124 16.08 -16.20 -3.08
N ALA A 125 15.89 -16.91 -4.18
CA ALA A 125 15.99 -16.31 -5.48
C ALA A 125 14.80 -15.38 -5.79
N HIS A 126 13.59 -15.78 -5.45
CA HIS A 126 12.43 -14.96 -5.81
C HIS A 126 11.96 -14.03 -4.68
N GLY A 127 12.51 -14.14 -3.48
CA GLY A 127 12.08 -13.25 -2.39
C GLY A 127 10.72 -13.51 -1.73
N LEU A 128 10.12 -14.67 -1.95
CA LEU A 128 8.89 -14.97 -1.23
C LEU A 128 9.15 -15.32 0.22
N THR A 129 8.10 -15.25 1.03
CA THR A 129 8.18 -15.69 2.41
C THR A 129 7.72 -17.13 2.47
N PRO A 130 8.14 -17.85 3.51
CA PRO A 130 7.59 -19.19 3.73
C PRO A 130 6.06 -19.20 3.78
N GLU A 131 5.47 -18.17 4.38
CA GLU A 131 4.02 -18.06 4.42
C GLU A 131 3.40 -18.04 3.03
N GLN A 132 4.01 -17.29 2.12
CA GLN A 132 3.44 -17.22 0.77
C GLN A 132 3.56 -18.57 0.05
N VAL A 133 4.65 -19.26 0.27
CA VAL A 133 4.89 -20.49 -0.43
C VAL A 133 3.88 -21.53 0.06
N VAL A 134 3.51 -21.43 1.33
CA VAL A 134 2.51 -22.32 1.88
C VAL A 134 1.14 -22.06 1.30
N ALA A 135 0.84 -20.80 1.07
CA ALA A 135 -0.45 -20.42 0.52
C ALA A 135 -0.55 -20.91 -0.90
N ILE A 136 0.54 -20.85 -1.65
CA ILE A 136 0.54 -21.35 -3.00
C ILE A 136 0.33 -22.88 -3.01
N ALA A 137 1.01 -23.54 -2.10
CA ALA A 137 1.06 -24.97 -2.04
C ALA A 137 -0.23 -25.59 -1.52
N SER A 138 -1.04 -24.81 -0.81
CA SER A 138 -2.21 -25.35 -0.06
C SER A 138 -3.53 -25.42 -0.85
N HIS A 139 -3.45 -25.86 -2.09
CA HIS A 139 -4.61 -26.07 -2.93
C HIS A 139 -4.36 -27.29 -3.79
N ASP A 140 -5.42 -27.90 -4.28
CA ASP A 140 -5.25 -28.93 -5.28
C ASP A 140 -4.37 -28.37 -6.37
N GLY A 141 -3.48 -29.20 -6.91
CA GLY A 141 -2.56 -28.80 -7.99
C GLY A 141 -1.39 -27.99 -7.53
N GLY A 142 -1.16 -27.97 -6.22
CA GLY A 142 -0.15 -27.09 -5.59
C GLY A 142 1.24 -27.30 -6.14
N LYS A 143 1.59 -28.55 -6.43
CA LYS A 143 2.85 -28.81 -7.16
C LYS A 143 3.00 -27.92 -8.39
N GLN A 144 1.96 -27.93 -9.21
CA GLN A 144 1.98 -27.24 -10.51
C GLN A 144 2.10 -25.75 -10.33
N ALA A 145 1.41 -25.25 -9.30
CA ALA A 145 1.35 -23.83 -9.06
C ALA A 145 2.71 -23.35 -8.60
N LEU A 146 3.35 -24.11 -7.73
CA LEU A 146 4.66 -23.82 -7.23
C LEU A 146 5.67 -23.83 -8.39
N GLU A 147 5.63 -24.86 -9.20
CA GLU A 147 6.53 -24.91 -10.34
C GLU A 147 6.33 -23.78 -11.31
N THR A 148 5.09 -23.35 -11.48
CA THR A 148 4.81 -22.26 -12.43
C THR A 148 5.21 -20.90 -11.85
N VAL A 149 5.09 -20.74 -10.53
CA VAL A 149 5.52 -19.49 -9.95
C VAL A 149 7.03 -19.38 -10.14
N GLN A 150 7.72 -20.48 -9.89
CA GLN A 150 9.17 -20.51 -10.11
C GLN A 150 9.54 -20.14 -11.53
N ALA A 151 8.87 -20.72 -12.52
CA ALA A 151 9.22 -20.43 -13.92
C ALA A 151 8.79 -19.05 -14.36
N LEU A 152 7.67 -18.53 -13.87
CA LEU A 152 7.05 -17.33 -14.44
C LEU A 152 7.04 -16.11 -13.57
N LEU A 153 7.40 -16.20 -12.30
CA LEU A 153 7.37 -14.98 -11.50
C LEU A 153 8.27 -13.81 -12.07
N PRO A 154 9.45 -14.14 -12.65
CA PRO A 154 10.27 -13.08 -13.22
C PRO A 154 9.62 -12.34 -14.39
N VAL A 155 9.04 -13.08 -15.33
CA VAL A 155 8.48 -12.46 -16.51
C VAL A 155 7.23 -11.67 -16.14
N LEU A 156 6.45 -12.18 -15.21
CA LEU A 156 5.24 -11.51 -14.81
C LEU A 156 5.54 -10.21 -14.08
N CYS A 157 6.63 -10.20 -13.32
CA CYS A 157 7.11 -8.96 -12.70
C CYS A 157 7.78 -8.00 -13.67
N GLN A 158 8.76 -8.49 -14.43
CA GLN A 158 9.58 -7.61 -15.29
C GLN A 158 8.82 -7.15 -16.53
N ALA A 159 8.16 -8.07 -17.21
CA ALA A 159 7.60 -7.78 -18.54
C ALA A 159 6.17 -7.30 -18.44
N HIS A 160 5.46 -7.73 -17.42
CA HIS A 160 4.07 -7.38 -17.27
C HIS A 160 3.83 -6.47 -16.06
N GLY A 161 4.88 -6.12 -15.31
CA GLY A 161 4.80 -5.12 -14.24
C GLY A 161 4.00 -5.47 -13.01
N LEU A 162 3.73 -6.77 -12.80
CA LEU A 162 3.03 -7.21 -11.61
C LEU A 162 3.97 -7.26 -10.43
N THR A 163 3.39 -7.27 -9.23
CA THR A 163 4.14 -7.44 -8.01
C THR A 163 4.15 -8.92 -7.64
N PRO A 164 5.13 -9.33 -6.84
CA PRO A 164 5.11 -10.71 -6.33
C PRO A 164 3.85 -10.99 -5.54
N GLU A 165 3.32 -10.02 -4.81
CA GLU A 165 2.09 -10.26 -4.04
C GLU A 165 0.98 -10.61 -4.99
N GLN A 166 0.89 -9.88 -6.10
CA GLN A 166 -0.10 -10.18 -7.12
C GLN A 166 0.06 -11.58 -7.71
N VAL A 167 1.30 -11.96 -8.01
CA VAL A 167 1.58 -13.25 -8.62
C VAL A 167 1.14 -14.40 -7.67
N VAL A 168 1.46 -14.20 -6.39
CA VAL A 168 1.04 -15.08 -5.32
C VAL A 168 -0.49 -15.14 -5.20
N ALA A 169 -1.17 -14.02 -5.37
CA ALA A 169 -2.61 -14.06 -5.29
C ALA A 169 -3.20 -14.91 -6.43
N ILE A 170 -2.67 -14.77 -7.64
CA ILE A 170 -3.14 -15.54 -8.77
C ILE A 170 -2.79 -17.03 -8.58
N ALA A 171 -1.62 -17.29 -8.01
CA ALA A 171 -1.13 -18.66 -7.81
C ALA A 171 -1.83 -19.40 -6.70
N SER A 172 -2.32 -18.67 -5.69
CA SER A 172 -2.96 -19.29 -4.51
C SER A 172 -4.42 -19.79 -4.67
N ASN A 173 -4.76 -20.30 -5.85
CA ASN A 173 -6.05 -20.96 -6.07
C ASN A 173 -5.82 -22.28 -6.77
N GLY A 174 -6.78 -23.19 -6.70
CA GLY A 174 -6.76 -24.37 -7.53
C GLY A 174 -6.67 -23.94 -8.99
N GLY A 175 -5.89 -24.70 -9.77
CA GLY A 175 -5.65 -24.33 -11.17
C GLY A 175 -4.84 -23.05 -11.27
N GLY A 176 -4.00 -22.82 -10.24
CA GLY A 176 -3.14 -21.67 -10.18
C GLY A 176 -2.20 -21.61 -11.35
N LYS A 177 -1.71 -22.77 -11.77
CA LYS A 177 -0.85 -22.84 -12.94
C LYS A 177 -1.58 -22.27 -14.16
N GLN A 178 -2.84 -22.64 -14.30
CA GLN A 178 -3.62 -22.30 -15.46
C GLN A 178 -3.87 -20.80 -15.52
N ALA A 179 -4.16 -20.21 -14.37
CA ALA A 179 -4.46 -18.81 -14.27
C ALA A 179 -3.21 -18.00 -14.56
N LEU A 180 -2.08 -18.45 -14.02
CA LEU A 180 -0.79 -17.75 -14.23
C LEU A 180 -0.37 -17.77 -15.71
N GLU A 181 -0.54 -18.90 -16.36
CA GLU A 181 -0.24 -18.94 -17.80
C GLU A 181 -1.19 -18.12 -18.61
N THR A 182 -2.43 -18.01 -18.16
CA THR A 182 -3.40 -17.31 -18.92
C THR A 182 -3.17 -15.83 -18.74
N VAL A 183 -2.77 -15.44 -17.55
CA VAL A 183 -2.45 -14.05 -17.29
C VAL A 183 -1.27 -13.64 -18.13
N GLN A 184 -0.24 -14.49 -18.16
CA GLN A 184 0.90 -14.23 -19.00
C GLN A 184 0.50 -14.04 -20.44
N ARG A 185 -0.43 -14.85 -20.91
CA ARG A 185 -0.82 -14.81 -22.32
C ARG A 185 -1.79 -13.65 -22.64
N LEU A 186 -2.78 -13.40 -21.78
CA LEU A 186 -3.87 -12.47 -22.11
C LEU A 186 -3.77 -11.08 -21.52
N LEU A 187 -2.91 -10.86 -20.53
CA LEU A 187 -2.83 -9.52 -19.91
C LEU A 187 -2.62 -8.38 -20.92
N PRO A 188 -1.70 -8.53 -21.85
CA PRO A 188 -1.54 -7.45 -22.83
C PRO A 188 -2.82 -7.15 -23.64
N VAL A 189 -3.52 -8.17 -24.14
CA VAL A 189 -4.70 -7.94 -24.98
C VAL A 189 -5.88 -7.38 -24.16
N LEU A 190 -6.06 -7.88 -22.95
CA LEU A 190 -7.12 -7.40 -22.11
C LEU A 190 -6.94 -5.95 -21.75
N CYS A 191 -5.70 -5.52 -21.57
CA CYS A 191 -5.46 -4.10 -21.28
C CYS A 191 -5.58 -3.27 -22.53
N GLN A 192 -4.78 -3.61 -23.52
CA GLN A 192 -4.71 -2.85 -24.73
C GLN A 192 -5.98 -2.93 -25.57
N ALA A 193 -6.58 -4.10 -25.74
CA ALA A 193 -7.76 -4.21 -26.62
C ALA A 193 -9.05 -3.83 -25.93
N HIS A 194 -9.29 -4.34 -24.74
CA HIS A 194 -10.54 -4.05 -24.02
C HIS A 194 -10.46 -2.90 -23.00
N GLY A 195 -9.31 -2.24 -22.89
CA GLY A 195 -9.15 -1.11 -21.97
C GLY A 195 -9.05 -1.42 -20.47
N LEU A 196 -8.71 -2.66 -20.10
CA LEU A 196 -8.55 -3.02 -18.68
C LEU A 196 -7.23 -2.56 -18.11
N THR A 197 -7.18 -2.43 -16.79
CA THR A 197 -5.91 -2.23 -16.08
C THR A 197 -5.40 -3.57 -15.52
N PRO A 198 -4.09 -3.71 -15.34
CA PRO A 198 -3.50 -4.91 -14.70
C PRO A 198 -4.22 -5.38 -13.43
N GLN A 199 -4.53 -4.41 -12.58
CA GLN A 199 -5.23 -4.69 -11.32
C GLN A 199 -6.54 -5.44 -11.56
N GLN A 200 -7.28 -4.96 -12.52
CA GLN A 200 -8.50 -5.61 -12.91
C GLN A 200 -8.26 -7.04 -13.44
N VAL A 201 -7.25 -7.20 -14.30
CA VAL A 201 -6.94 -8.50 -14.83
C VAL A 201 -6.58 -9.41 -13.68
N VAL A 202 -5.81 -8.88 -12.73
CA VAL A 202 -5.42 -9.65 -11.56
C VAL A 202 -6.63 -10.09 -10.76
N ALA A 203 -7.56 -9.17 -10.52
CA ALA A 203 -8.75 -9.49 -9.72
C ALA A 203 -9.58 -10.63 -10.36
N ILE A 204 -9.61 -10.67 -11.70
CA ILE A 204 -10.38 -11.70 -12.41
C ILE A 204 -9.66 -13.03 -12.33
N ALA A 205 -8.33 -12.96 -12.32
CA ALA A 205 -7.50 -14.14 -12.33
C ALA A 205 -7.30 -14.74 -10.92
N SER A 206 -7.58 -13.95 -9.87
CA SER A 206 -7.26 -14.38 -8.50
C SER A 206 -8.26 -15.22 -7.81
N ASN A 207 -9.03 -15.96 -8.57
CA ASN A 207 -9.99 -16.89 -8.03
C ASN A 207 -9.81 -18.23 -8.73
N GLY A 208 -10.35 -19.29 -8.12
CA GLY A 208 -10.48 -20.56 -8.82
C GLY A 208 -11.14 -20.36 -10.18
N GLY A 209 -10.69 -21.13 -11.18
CA GLY A 209 -11.17 -21.02 -12.55
C GLY A 209 -10.85 -19.70 -13.25
N GLY A 210 -9.83 -19.01 -12.76
CA GLY A 210 -9.45 -17.72 -13.31
C GLY A 210 -9.13 -17.78 -14.79
N LYS A 211 -8.57 -18.90 -15.23
CA LYS A 211 -8.29 -19.06 -16.63
C LYS A 211 -9.57 -18.90 -17.42
N GLN A 212 -10.61 -19.56 -16.95
CA GLN A 212 -11.88 -19.61 -17.65
C GLN A 212 -12.48 -18.23 -17.69
N ALA A 213 -12.35 -17.51 -16.60
CA ALA A 213 -12.92 -16.19 -16.49
C ALA A 213 -12.20 -15.19 -17.39
N LEU A 214 -10.89 -15.32 -17.51
CA LEU A 214 -10.11 -14.45 -18.37
C LEU A 214 -10.42 -14.67 -19.83
N GLU A 215 -10.62 -15.92 -20.22
CA GLU A 215 -10.90 -16.23 -21.62
C GLU A 215 -12.31 -15.79 -21.95
N THR A 216 -13.18 -15.87 -20.95
CA THR A 216 -14.57 -15.49 -21.17
C THR A 216 -14.66 -14.01 -21.26
N VAL A 217 -13.97 -13.31 -20.38
CA VAL A 217 -13.90 -11.86 -20.44
C VAL A 217 -13.33 -11.43 -21.77
N GLN A 218 -12.31 -12.10 -22.26
CA GLN A 218 -11.78 -11.75 -23.56
C GLN A 218 -12.83 -11.92 -24.65
N ARG A 219 -13.53 -13.04 -24.59
CA ARG A 219 -14.55 -13.42 -25.54
C ARG A 219 -15.85 -12.63 -25.46
N LEU A 220 -16.36 -12.32 -24.28
CA LEU A 220 -17.70 -11.67 -24.19
C LEU A 220 -17.73 -10.21 -23.81
N LEU A 221 -16.60 -9.61 -23.42
CA LEU A 221 -16.66 -8.22 -22.98
C LEU A 221 -17.24 -7.34 -24.09
N PRO A 222 -16.73 -7.50 -25.34
CA PRO A 222 -17.26 -6.70 -26.42
C PRO A 222 -18.76 -6.80 -26.56
N VAL A 223 -19.28 -8.02 -26.60
CA VAL A 223 -20.72 -8.22 -26.77
C VAL A 223 -21.52 -7.55 -25.67
N LEU A 224 -21.04 -7.71 -24.44
CA LEU A 224 -21.75 -7.24 -23.27
C LEU A 224 -21.76 -5.74 -23.15
N CYS A 225 -20.72 -5.09 -23.64
CA CYS A 225 -20.69 -3.63 -23.67
C CYS A 225 -21.36 -3.08 -24.92
N GLN A 226 -20.98 -3.61 -26.08
CA GLN A 226 -21.45 -3.07 -27.36
C GLN A 226 -22.88 -3.41 -27.65
N ALA A 227 -23.27 -4.66 -27.40
CA ALA A 227 -24.62 -5.12 -27.75
C ALA A 227 -25.62 -5.08 -26.58
N HIS A 228 -25.17 -5.16 -25.33
CA HIS A 228 -26.09 -5.14 -24.15
C HIS A 228 -25.98 -3.89 -23.27
N GLY A 229 -25.02 -3.01 -23.53
CA GLY A 229 -24.89 -1.77 -22.76
C GLY A 229 -24.32 -1.84 -21.35
N LEU A 230 -23.60 -2.91 -20.99
CA LEU A 230 -22.89 -2.91 -19.72
C LEU A 230 -21.57 -2.16 -19.87
N THR A 231 -21.02 -1.69 -18.77
CA THR A 231 -19.73 -1.04 -18.80
C THR A 231 -18.64 -2.09 -18.58
N PRO A 232 -17.40 -1.75 -18.95
CA PRO A 232 -16.30 -2.65 -18.62
C PRO A 232 -16.13 -2.89 -17.09
N GLN A 233 -16.41 -1.88 -16.27
CA GLN A 233 -16.33 -2.00 -14.80
C GLN A 233 -17.31 -3.05 -14.31
N GLN A 234 -18.49 -3.06 -14.89
CA GLN A 234 -19.50 -4.04 -14.54
C GLN A 234 -19.13 -5.45 -14.96
N VAL A 235 -18.60 -5.56 -16.18
CA VAL A 235 -18.23 -6.87 -16.69
C VAL A 235 -17.15 -7.49 -15.81
N VAL A 236 -16.17 -6.67 -15.48
CA VAL A 236 -15.10 -7.10 -14.58
C VAL A 236 -15.62 -7.58 -13.23
N ALA A 237 -16.56 -6.83 -12.68
CA ALA A 237 -17.12 -7.16 -11.36
C ALA A 237 -17.79 -8.51 -11.40
N ILE A 238 -18.49 -8.79 -12.49
CA ILE A 238 -19.07 -10.09 -12.66
C ILE A 238 -17.99 -11.16 -12.73
N ALA A 239 -16.95 -10.88 -13.52
CA ALA A 239 -15.89 -11.84 -13.79
C ALA A 239 -14.97 -12.12 -12.60
N SER A 240 -15.06 -11.28 -11.56
CA SER A 240 -14.14 -11.33 -10.40
C SER A 240 -14.59 -12.23 -9.28
N HIS A 241 -15.39 -13.24 -9.59
CA HIS A 241 -15.63 -14.28 -8.61
C HIS A 241 -15.33 -15.57 -9.30
N ALA A 242 -14.93 -16.56 -8.52
CA ALA A 242 -14.88 -17.91 -9.03
C ALA A 242 -16.19 -18.24 -9.69
N GLY A 243 -16.11 -18.91 -10.83
CA GLY A 243 -17.32 -19.17 -11.63
C GLY A 243 -17.67 -18.03 -12.57
N GLY A 244 -16.83 -16.99 -12.57
CA GLY A 244 -17.04 -15.83 -13.42
C GLY A 244 -17.45 -16.19 -14.84
N LYS A 245 -16.84 -17.22 -15.39
CA LYS A 245 -17.18 -17.66 -16.73
C LYS A 245 -18.67 -17.94 -16.85
N GLN A 246 -19.18 -18.68 -15.87
CA GLN A 246 -20.57 -19.07 -15.83
C GLN A 246 -21.49 -17.86 -15.67
N ALA A 247 -21.12 -16.96 -14.78
CA ALA A 247 -21.92 -15.78 -14.53
C ALA A 247 -21.94 -14.88 -15.76
N LEU A 248 -20.83 -14.77 -16.44
CA LEU A 248 -20.79 -13.98 -17.67
C LEU A 248 -21.70 -14.55 -18.76
N GLU A 249 -21.71 -15.86 -18.94
CA GLU A 249 -22.52 -16.49 -20.00
C GLU A 249 -24.00 -16.38 -19.71
N THR A 250 -24.35 -16.52 -18.44
CA THR A 250 -25.72 -16.43 -18.03
C THR A 250 -26.24 -15.01 -18.15
N VAL A 251 -25.42 -14.04 -17.80
CA VAL A 251 -25.78 -12.63 -17.99
C VAL A 251 -26.16 -12.36 -19.44
N GLN A 252 -25.33 -12.84 -20.35
CA GLN A 252 -25.57 -12.65 -21.78
C GLN A 252 -26.90 -13.25 -22.19
N ARG A 253 -27.14 -14.49 -21.78
CA ARG A 253 -28.39 -15.17 -22.08
C ARG A 253 -29.62 -14.56 -21.35
N LEU A 254 -29.48 -14.13 -20.09
CA LEU A 254 -30.66 -13.68 -19.33
C LEU A 254 -30.89 -12.16 -19.20
N LEU A 255 -29.92 -11.32 -19.51
CA LEU A 255 -30.10 -9.86 -19.39
C LEU A 255 -31.31 -9.30 -20.16
N PRO A 256 -31.50 -9.75 -21.42
CA PRO A 256 -32.68 -9.24 -22.14
C PRO A 256 -34.00 -9.65 -21.47
N VAL A 257 -34.11 -10.91 -21.10
CA VAL A 257 -35.32 -11.44 -20.45
C VAL A 257 -35.62 -10.76 -19.10
N LEU A 258 -34.59 -10.57 -18.29
CA LEU A 258 -34.79 -10.10 -16.93
C LEU A 258 -35.13 -8.63 -16.89
N CYS A 259 -34.66 -7.88 -17.90
CA CYS A 259 -34.97 -6.46 -18.01
C CYS A 259 -36.28 -6.23 -18.77
N GLN A 260 -36.48 -6.96 -19.87
CA GLN A 260 -37.74 -6.83 -20.63
C GLN A 260 -38.90 -7.43 -19.82
N ALA A 261 -38.93 -8.76 -19.70
CA ALA A 261 -40.10 -9.47 -19.17
C ALA A 261 -40.35 -9.33 -17.66
N HIS A 262 -39.30 -9.13 -16.87
CA HIS A 262 -39.44 -9.04 -15.39
C HIS A 262 -39.18 -7.66 -14.80
N GLY A 263 -38.79 -6.68 -15.63
CA GLY A 263 -38.55 -5.31 -15.17
C GLY A 263 -37.38 -5.00 -14.21
N LEU A 264 -36.40 -5.89 -14.09
CA LEU A 264 -35.19 -5.57 -13.33
C LEU A 264 -34.27 -4.64 -14.10
N THR A 265 -33.51 -3.81 -13.39
CA THR A 265 -32.54 -2.91 -14.05
C THR A 265 -31.29 -3.70 -14.37
N PRO A 266 -30.53 -3.25 -15.38
CA PRO A 266 -29.23 -3.87 -15.64
C PRO A 266 -28.31 -3.91 -14.42
N GLN A 267 -28.29 -2.83 -13.63
CA GLN A 267 -27.46 -2.76 -12.42
C GLN A 267 -27.91 -3.77 -11.35
N GLN A 268 -29.21 -4.09 -11.34
CA GLN A 268 -29.72 -5.14 -10.46
C GLN A 268 -29.30 -6.53 -10.90
N VAL A 269 -29.33 -6.79 -12.21
CA VAL A 269 -28.87 -8.08 -12.77
C VAL A 269 -27.39 -8.36 -12.50
N VAL A 270 -26.57 -7.35 -12.77
CA VAL A 270 -25.12 -7.35 -12.44
C VAL A 270 -24.83 -7.68 -10.96
N ALA A 271 -25.50 -6.95 -10.06
CA ALA A 271 -25.36 -7.18 -8.63
C ALA A 271 -25.67 -8.62 -8.25
N ILE A 272 -26.68 -9.22 -8.89
CA ILE A 272 -26.98 -10.64 -8.63
C ILE A 272 -25.89 -11.55 -9.25
N ALA A 273 -25.43 -11.20 -10.44
CA ALA A 273 -24.43 -12.00 -11.11
C ALA A 273 -23.08 -11.93 -10.40
N SER A 274 -22.82 -10.83 -9.69
CA SER A 274 -21.51 -10.63 -9.06
C SER A 274 -21.32 -11.29 -7.70
N ASN A 275 -21.60 -12.59 -7.65
CA ASN A 275 -21.23 -13.36 -6.49
C ASN A 275 -20.86 -14.73 -6.93
N ASN A 276 -20.15 -15.49 -6.10
CA ASN A 276 -20.01 -16.94 -6.36
C ASN A 276 -21.37 -17.53 -6.64
N GLY A 277 -21.45 -18.43 -7.60
CA GLY A 277 -22.74 -19.03 -7.98
C GLY A 277 -23.71 -18.06 -8.67
N GLY A 278 -23.18 -16.93 -9.13
CA GLY A 278 -23.96 -15.94 -9.86
C GLY A 278 -24.88 -16.53 -10.90
N LYS A 279 -24.39 -17.51 -11.66
CA LYS A 279 -25.22 -18.19 -12.66
C LYS A 279 -26.46 -18.81 -12.04
N GLN A 280 -26.25 -19.45 -10.90
CA GLN A 280 -27.30 -20.13 -10.18
C GLN A 280 -28.33 -19.10 -9.72
N ALA A 281 -27.84 -18.00 -9.16
CA ALA A 281 -28.72 -16.98 -8.62
C ALA A 281 -29.54 -16.38 -9.71
N LEU A 282 -28.93 -16.05 -10.83
CA LEU A 282 -29.67 -15.45 -11.94
C LEU A 282 -30.82 -16.36 -12.39
N GLU A 283 -30.52 -17.64 -12.61
CA GLU A 283 -31.54 -18.57 -13.05
C GLU A 283 -32.68 -18.70 -12.03
N THR A 284 -32.32 -18.81 -10.76
CA THR A 284 -33.31 -18.87 -9.69
C THR A 284 -34.18 -17.63 -9.56
N VAL A 285 -33.63 -16.43 -9.71
CA VAL A 285 -34.49 -15.24 -9.65
C VAL A 285 -35.43 -15.22 -10.85
N GLN A 286 -34.96 -15.58 -12.03
CA GLN A 286 -35.86 -15.66 -13.17
C GLN A 286 -37.07 -16.56 -12.87
N ARG A 287 -36.88 -17.68 -12.15
CA ARG A 287 -37.99 -18.58 -11.72
C ARG A 287 -38.88 -18.13 -10.55
N GLY A 297 -45.59 -12.54 -1.47
CA GLY A 297 -45.15 -11.64 -0.43
C GLY A 297 -44.35 -10.41 -0.86
N LEU A 298 -43.21 -10.63 -1.52
CA LEU A 298 -42.13 -9.66 -1.54
C LEU A 298 -42.13 -8.67 -2.69
N THR A 299 -41.41 -7.56 -2.48
CA THR A 299 -41.13 -6.62 -3.56
C THR A 299 -39.98 -7.21 -4.38
N PRO A 300 -39.84 -6.80 -5.66
CA PRO A 300 -38.63 -7.23 -6.39
C PRO A 300 -37.30 -6.76 -5.79
N GLN A 301 -37.25 -5.57 -5.19
CA GLN A 301 -36.06 -5.11 -4.44
C GLN A 301 -35.59 -6.16 -3.45
N GLN A 302 -36.54 -6.70 -2.69
CA GLN A 302 -36.25 -7.73 -1.68
C GLN A 302 -35.76 -9.06 -2.29
N VAL A 303 -36.27 -9.42 -3.46
CA VAL A 303 -35.85 -10.64 -4.13
C VAL A 303 -34.40 -10.47 -4.61
N VAL A 304 -34.12 -9.33 -5.24
CA VAL A 304 -32.76 -8.95 -5.61
C VAL A 304 -31.82 -8.97 -4.39
N ALA A 305 -32.23 -8.32 -3.31
CA ALA A 305 -31.40 -8.30 -2.10
C ALA A 305 -31.06 -9.71 -1.60
N ILE A 306 -32.03 -10.64 -1.62
CA ILE A 306 -31.79 -12.03 -1.19
C ILE A 306 -30.87 -12.73 -2.16
N ALA A 307 -31.11 -12.50 -3.45
CA ALA A 307 -30.30 -13.10 -4.50
C ALA A 307 -28.87 -12.61 -4.49
N SER A 308 -28.61 -11.39 -4.01
CA SER A 308 -27.31 -10.74 -4.20
C SER A 308 -26.23 -11.14 -3.19
N HIS A 309 -26.12 -12.44 -2.94
CA HIS A 309 -25.07 -12.97 -2.11
C HIS A 309 -24.65 -14.32 -2.66
N ASP A 310 -23.42 -14.72 -2.37
CA ASP A 310 -23.00 -16.11 -2.52
C ASP A 310 -24.10 -17.02 -2.03
N GLY A 311 -24.43 -18.04 -2.82
CA GLY A 311 -25.44 -19.02 -2.41
C GLY A 311 -26.86 -18.47 -2.54
N GLY A 312 -26.99 -17.34 -3.26
CA GLY A 312 -28.25 -16.64 -3.41
C GLY A 312 -29.36 -17.54 -3.87
N LYS A 313 -29.03 -18.53 -4.67
CA LYS A 313 -30.02 -19.49 -5.12
C LYS A 313 -30.59 -20.24 -3.94
N GLN A 314 -29.72 -20.68 -3.04
CA GLN A 314 -30.14 -21.44 -1.89
C GLN A 314 -31.04 -20.61 -0.98
N ALA A 315 -30.63 -19.38 -0.71
CA ALA A 315 -31.44 -18.43 0.07
C ALA A 315 -32.85 -18.26 -0.46
N LEU A 316 -33.00 -18.02 -1.76
CA LEU A 316 -34.31 -17.85 -2.39
C LEU A 316 -35.19 -19.08 -2.29
N GLU A 317 -34.65 -20.25 -2.60
CA GLU A 317 -35.43 -21.47 -2.49
C GLU A 317 -35.79 -21.80 -1.06
N THR A 318 -34.92 -21.45 -0.11
CA THR A 318 -35.25 -21.62 1.30
C THR A 318 -36.35 -20.63 1.73
N VAL A 319 -36.22 -19.37 1.31
CA VAL A 319 -37.24 -18.35 1.61
C VAL A 319 -38.59 -18.79 1.07
N GLN A 320 -38.62 -19.28 -0.15
CA GLN A 320 -39.89 -19.70 -0.74
C GLN A 320 -40.52 -20.86 0.06
N ARG A 321 -39.67 -21.71 0.63
CA ARG A 321 -40.14 -22.85 1.35
C ARG A 321 -40.56 -22.49 2.77
N LEU A 322 -39.84 -21.57 3.42
CA LEU A 322 -40.07 -21.31 4.85
C LEU A 322 -40.76 -19.99 5.21
N LEU A 323 -40.89 -19.05 4.28
CA LEU A 323 -41.51 -17.78 4.61
C LEU A 323 -42.89 -18.00 5.26
N PRO A 324 -43.76 -18.83 4.64
CA PRO A 324 -45.07 -19.07 5.23
C PRO A 324 -45.06 -19.65 6.64
N VAL A 325 -44.23 -20.67 6.90
CA VAL A 325 -44.26 -21.28 8.23
C VAL A 325 -43.63 -20.32 9.27
N LEU A 326 -42.52 -19.69 8.91
CA LEU A 326 -41.84 -18.77 9.82
C LEU A 326 -42.74 -17.60 10.22
N CYS A 327 -43.47 -17.04 9.25
CA CYS A 327 -44.43 -15.98 9.55
C CYS A 327 -45.61 -16.49 10.39
N GLN A 328 -46.18 -17.62 9.98
CA GLN A 328 -47.42 -18.14 10.58
C GLN A 328 -47.17 -18.87 11.90
N ALA A 329 -46.24 -19.82 11.90
CA ALA A 329 -46.02 -20.67 13.07
C ALA A 329 -45.01 -20.12 14.10
N HIS A 330 -44.20 -19.14 13.71
CA HIS A 330 -43.26 -18.54 14.67
C HIS A 330 -43.44 -17.06 14.87
N GLY A 331 -44.35 -16.45 14.11
CA GLY A 331 -44.75 -15.05 14.33
C GLY A 331 -43.87 -13.98 13.72
N LEU A 332 -42.98 -14.35 12.80
CA LEU A 332 -42.10 -13.35 12.19
C LEU A 332 -42.78 -12.58 11.06
N THR A 333 -42.20 -11.45 10.70
CA THR A 333 -42.66 -10.68 9.55
C THR A 333 -41.78 -11.00 8.32
N PRO A 334 -42.30 -10.77 7.10
CA PRO A 334 -41.45 -11.00 5.94
C PRO A 334 -40.14 -10.20 6.05
N GLN A 335 -40.27 -8.94 6.48
CA GLN A 335 -39.14 -8.03 6.61
C GLN A 335 -38.03 -8.70 7.43
N GLN A 336 -38.41 -9.44 8.48
CA GLN A 336 -37.42 -10.20 9.25
C GLN A 336 -36.86 -11.40 8.52
N VAL A 337 -37.71 -12.13 7.82
CA VAL A 337 -37.25 -13.28 7.05
C VAL A 337 -36.26 -12.85 5.97
N VAL A 338 -36.60 -11.77 5.27
CA VAL A 338 -35.70 -11.23 4.25
C VAL A 338 -34.35 -10.84 4.85
N ALA A 339 -34.37 -10.20 6.03
CA ALA A 339 -33.14 -9.78 6.69
C ALA A 339 -32.26 -10.99 7.11
N ILE A 340 -32.89 -12.08 7.54
CA ILE A 340 -32.16 -13.31 7.83
C ILE A 340 -31.58 -13.91 6.54
N ALA A 341 -32.33 -13.86 5.46
CA ALA A 341 -31.93 -14.46 4.20
C ALA A 341 -30.86 -13.67 3.45
N SER A 342 -30.87 -12.34 3.57
CA SER A 342 -29.93 -11.47 2.83
C SER A 342 -28.50 -11.43 3.41
N ASN A 343 -27.95 -12.59 3.72
CA ASN A 343 -26.53 -12.73 4.03
C ASN A 343 -25.99 -14.01 3.38
N ASN A 344 -24.67 -14.12 3.33
CA ASN A 344 -24.07 -15.36 2.96
C ASN A 344 -24.58 -16.47 3.83
N GLY A 345 -25.01 -17.57 3.23
CA GLY A 345 -25.53 -18.69 3.98
C GLY A 345 -26.91 -18.40 4.54
N GLY A 346 -27.64 -17.50 3.90
CA GLY A 346 -29.03 -17.25 4.22
C GLY A 346 -29.81 -18.53 4.47
N LYS A 347 -29.60 -19.53 3.62
CA LYS A 347 -30.30 -20.80 3.76
C LYS A 347 -29.99 -21.41 5.10
N GLN A 348 -28.74 -21.34 5.51
CA GLN A 348 -28.35 -21.98 6.76
C GLN A 348 -28.96 -21.29 7.99
N ALA A 349 -28.98 -19.97 7.98
CA ALA A 349 -29.56 -19.20 9.06
C ALA A 349 -31.05 -19.49 9.19
N LEU A 350 -31.76 -19.43 8.06
CA LEU A 350 -33.19 -19.68 8.05
C LEU A 350 -33.51 -21.05 8.61
N GLU A 351 -32.92 -22.08 8.05
CA GLU A 351 -33.13 -23.41 8.58
C GLU A 351 -32.85 -23.44 10.09
N THR A 352 -31.77 -22.80 10.55
CA THR A 352 -31.41 -22.87 11.96
C THR A 352 -32.41 -22.14 12.88
N VAL A 353 -32.72 -20.90 12.55
CA VAL A 353 -33.78 -20.15 13.18
C VAL A 353 -35.06 -20.95 13.32
N GLN A 354 -35.41 -21.70 12.29
CA GLN A 354 -36.57 -22.58 12.36
C GLN A 354 -36.44 -23.55 13.54
N ARG A 355 -35.37 -24.33 13.57
CA ARG A 355 -35.22 -25.30 14.62
C ARG A 355 -34.63 -24.70 15.90
N LEU A 356 -34.34 -23.40 15.93
CA LEU A 356 -33.77 -22.79 17.14
C LEU A 356 -34.52 -21.62 17.81
N LEU A 357 -35.47 -20.96 17.16
CA LEU A 357 -36.32 -19.99 17.89
C LEU A 357 -36.88 -20.57 19.20
N PRO A 358 -37.73 -21.63 19.10
CA PRO A 358 -38.39 -22.19 20.29
C PRO A 358 -37.42 -22.66 21.39
N VAL A 359 -36.32 -23.27 20.97
CA VAL A 359 -35.31 -23.80 21.87
C VAL A 359 -34.51 -22.73 22.60
N LEU A 360 -34.07 -21.69 21.87
CA LEU A 360 -33.24 -20.63 22.51
C LEU A 360 -34.10 -19.78 23.46
N CYS A 361 -35.33 -19.53 23.04
CA CYS A 361 -36.22 -18.76 23.88
C CYS A 361 -36.52 -19.51 25.18
N GLN A 362 -36.51 -20.85 25.14
CA GLN A 362 -36.99 -21.63 26.27
C GLN A 362 -35.89 -22.21 27.12
N ALA A 363 -35.05 -23.02 26.54
CA ALA A 363 -33.91 -23.50 27.31
C ALA A 363 -33.05 -22.35 27.84
N HIS A 364 -32.96 -21.24 27.11
CA HIS A 364 -32.09 -20.14 27.55
C HIS A 364 -32.76 -18.79 27.77
N GLY A 365 -34.08 -18.68 27.64
CA GLY A 365 -34.76 -17.42 27.91
C GLY A 365 -34.43 -16.17 27.08
N LEU A 366 -34.35 -16.33 25.76
CA LEU A 366 -34.17 -15.20 24.85
C LEU A 366 -35.46 -14.86 24.11
N THR A 367 -35.61 -13.59 23.75
CA THR A 367 -36.76 -13.17 22.99
C THR A 367 -36.57 -13.54 21.52
N PRO A 368 -37.67 -13.67 20.78
CA PRO A 368 -37.61 -13.77 19.33
C PRO A 368 -36.79 -12.65 18.67
N GLU A 369 -36.99 -11.41 19.11
CA GLU A 369 -36.33 -10.27 18.49
C GLU A 369 -34.82 -10.37 18.61
N GLN A 370 -34.38 -11.02 19.69
CA GLN A 370 -32.99 -11.22 19.93
C GLN A 370 -32.48 -12.31 19.00
N VAL A 371 -33.28 -13.34 18.83
CA VAL A 371 -32.91 -14.45 17.97
C VAL A 371 -32.80 -13.94 16.54
N VAL A 372 -33.71 -13.06 16.13
CA VAL A 372 -33.65 -12.53 14.79
C VAL A 372 -32.35 -11.75 14.63
N ALA A 373 -32.03 -10.87 15.58
CA ALA A 373 -30.80 -10.06 15.47
C ALA A 373 -29.56 -10.91 15.27
N ILE A 374 -29.52 -12.08 15.90
CA ILE A 374 -28.37 -12.97 15.77
C ILE A 374 -28.30 -13.58 14.36
N ALA A 375 -29.43 -14.08 13.88
CA ALA A 375 -29.50 -14.73 12.61
C ALA A 375 -29.47 -13.74 11.45
N SER A 376 -29.70 -12.46 11.70
CA SER A 376 -29.64 -11.44 10.64
C SER A 376 -28.22 -11.02 10.23
N ASN A 377 -27.21 -11.85 10.50
CA ASN A 377 -25.83 -11.61 10.03
C ASN A 377 -25.28 -12.78 9.27
N GLY A 378 -24.21 -12.55 8.50
CA GLY A 378 -23.46 -13.66 7.88
C GLY A 378 -23.05 -14.61 9.01
N GLY A 379 -23.22 -15.91 8.78
CA GLY A 379 -22.87 -16.95 9.77
C GLY A 379 -23.90 -17.16 10.84
N GLY A 380 -25.14 -16.81 10.55
CA GLY A 380 -26.23 -16.91 11.53
C GLY A 380 -26.28 -18.28 12.16
N LYS A 381 -26.24 -19.31 11.35
CA LYS A 381 -26.28 -20.66 11.87
C LYS A 381 -25.19 -20.86 12.91
N GLN A 382 -23.98 -20.41 12.61
CA GLN A 382 -22.90 -20.54 13.59
C GLN A 382 -23.15 -19.73 14.88
N ALA A 383 -23.78 -18.57 14.74
CA ALA A 383 -23.94 -17.68 15.87
C ALA A 383 -24.91 -18.30 16.84
N LEU A 384 -26.09 -18.70 16.34
CA LEU A 384 -27.13 -19.32 17.12
C LEU A 384 -26.64 -20.59 17.75
N GLU A 385 -26.04 -21.48 16.96
CA GLU A 385 -25.63 -22.77 17.50
C GLU A 385 -24.64 -22.58 18.64
N THR A 386 -23.81 -21.52 18.57
CA THR A 386 -22.77 -21.23 19.56
C THR A 386 -23.30 -20.50 20.79
N VAL A 387 -24.33 -19.67 20.58
CA VAL A 387 -25.05 -19.06 21.69
C VAL A 387 -25.72 -20.11 22.55
N GLN A 388 -26.34 -21.09 21.88
CA GLN A 388 -26.92 -22.26 22.55
C GLN A 388 -25.90 -22.96 23.42
N ARG A 389 -24.73 -23.25 22.87
CA ARG A 389 -23.66 -23.91 23.63
C ARG A 389 -23.10 -23.04 24.77
N LEU A 390 -22.79 -21.78 24.48
CA LEU A 390 -21.89 -21.00 25.34
C LEU A 390 -22.53 -19.94 26.21
N LEU A 391 -23.79 -19.61 25.94
CA LEU A 391 -24.54 -18.71 26.79
C LEU A 391 -24.45 -19.13 28.27
N PRO A 392 -24.75 -20.40 28.61
CA PRO A 392 -24.70 -20.74 30.04
C PRO A 392 -23.33 -20.52 30.70
N VAL A 393 -22.24 -20.92 30.07
CA VAL A 393 -20.95 -20.80 30.73
C VAL A 393 -20.49 -19.34 30.77
N LEU A 394 -20.79 -18.60 29.73
CA LEU A 394 -20.55 -17.16 29.72
C LEU A 394 -21.22 -16.37 30.83
N CYS A 395 -22.46 -16.65 31.19
CA CYS A 395 -23.12 -15.85 32.24
C CYS A 395 -22.80 -16.33 33.65
N GLN A 396 -23.01 -17.62 33.86
CA GLN A 396 -22.83 -18.23 35.15
C GLN A 396 -21.38 -18.18 35.61
N ALA A 397 -20.45 -18.79 34.85
CA ALA A 397 -19.02 -18.75 35.16
C ALA A 397 -18.35 -17.38 35.03
N HIS A 398 -18.41 -16.78 33.85
CA HIS A 398 -17.74 -15.50 33.60
C HIS A 398 -18.54 -14.27 34.00
N GLY A 399 -19.79 -14.46 34.43
CA GLY A 399 -20.56 -13.38 35.01
C GLY A 399 -21.16 -12.42 34.01
N LEU A 400 -21.36 -12.85 32.77
CA LEU A 400 -21.89 -11.96 31.73
C LEU A 400 -23.44 -11.93 31.70
N THR A 401 -24.04 -10.78 31.35
CA THR A 401 -25.50 -10.69 31.18
C THR A 401 -25.89 -11.35 29.88
N PRO A 402 -27.05 -12.02 29.81
CA PRO A 402 -27.40 -12.56 28.48
C PRO A 402 -27.52 -11.49 27.38
N GLU A 403 -27.80 -10.25 27.75
CA GLU A 403 -27.89 -9.21 26.73
C GLU A 403 -26.53 -8.90 26.15
N GLN A 404 -25.48 -9.04 26.97
CA GLN A 404 -24.11 -8.91 26.51
C GLN A 404 -23.68 -9.98 25.47
N VAL A 405 -24.07 -11.23 25.76
CA VAL A 405 -23.75 -12.38 24.89
C VAL A 405 -24.36 -12.15 23.52
N VAL A 406 -25.62 -11.72 23.56
CA VAL A 406 -26.35 -11.30 22.39
C VAL A 406 -25.76 -10.14 21.60
N ALA A 407 -25.30 -9.09 22.28
CA ALA A 407 -24.56 -8.03 21.55
C ALA A 407 -23.31 -8.59 20.82
N ILE A 408 -22.64 -9.60 21.39
CA ILE A 408 -21.43 -10.17 20.81
C ILE A 408 -21.78 -11.09 19.66
N ALA A 409 -22.90 -11.80 19.79
CA ALA A 409 -23.34 -12.74 18.75
C ALA A 409 -23.91 -11.97 17.58
N SER A 410 -24.39 -10.75 17.79
CA SER A 410 -25.09 -10.02 16.72
C SER A 410 -24.21 -9.29 15.69
N HIS A 411 -23.18 -9.95 15.19
CA HIS A 411 -22.31 -9.42 14.14
C HIS A 411 -21.79 -10.60 13.33
N ASP A 412 -21.40 -10.36 12.10
CA ASP A 412 -20.70 -11.36 11.33
C ASP A 412 -19.49 -11.86 12.12
N GLY A 413 -19.37 -13.18 12.27
CA GLY A 413 -18.24 -13.81 12.97
C GLY A 413 -18.59 -14.03 14.44
N GLY A 414 -19.88 -13.97 14.78
CA GLY A 414 -20.31 -14.07 16.18
C GLY A 414 -19.67 -15.24 16.90
N LYS A 415 -19.78 -16.42 16.32
CA LYS A 415 -19.24 -17.62 16.98
C LYS A 415 -17.78 -17.44 17.32
N GLN A 416 -17.03 -16.79 16.44
CA GLN A 416 -15.63 -16.54 16.72
C GLN A 416 -15.45 -15.64 17.93
N ALA A 417 -16.13 -14.50 17.91
CA ALA A 417 -16.03 -13.52 18.98
C ALA A 417 -16.40 -14.12 20.36
N LEU A 418 -17.40 -15.01 20.40
CA LEU A 418 -17.82 -15.67 21.62
C LEU A 418 -16.78 -16.64 22.12
N GLU A 419 -16.31 -17.49 21.19
CA GLU A 419 -15.39 -18.58 21.57
C GLU A 419 -14.09 -17.97 22.05
N THR A 420 -13.67 -16.91 21.39
CA THR A 420 -12.56 -16.07 21.85
C THR A 420 -12.78 -15.37 23.22
N VAL A 421 -13.91 -14.69 23.38
CA VAL A 421 -14.23 -14.09 24.66
C VAL A 421 -14.04 -15.12 25.79
N GLN A 422 -14.67 -16.29 25.63
CA GLN A 422 -14.50 -17.37 26.62
C GLN A 422 -13.02 -17.65 26.85
N ARG A 423 -12.24 -17.81 25.78
CA ARG A 423 -10.81 -18.08 25.95
C ARG A 423 -10.11 -16.95 26.67
N LEU A 424 -10.36 -15.70 26.24
CA LEU A 424 -9.51 -14.59 26.61
C LEU A 424 -10.05 -13.66 27.72
N LEU A 425 -11.28 -13.88 28.17
CA LEU A 425 -11.90 -12.98 29.16
C LEU A 425 -11.14 -12.98 30.47
N PRO A 426 -10.76 -14.19 30.97
CA PRO A 426 -9.99 -14.22 32.23
C PRO A 426 -8.66 -13.46 32.15
N VAL A 427 -7.83 -13.76 31.16
CA VAL A 427 -6.52 -13.12 31.08
C VAL A 427 -6.60 -11.61 30.83
N LEU A 428 -7.67 -11.15 30.18
CA LEU A 428 -7.85 -9.71 29.99
C LEU A 428 -8.21 -8.99 31.28
N CYS A 429 -8.99 -9.64 32.14
CA CYS A 429 -9.46 -8.97 33.35
C CYS A 429 -8.47 -9.19 34.48
N GLN A 430 -8.37 -10.41 34.99
CA GLN A 430 -7.53 -10.64 36.18
C GLN A 430 -6.05 -10.25 35.96
N ALA A 431 -5.49 -10.56 34.79
CA ALA A 431 -4.07 -10.30 34.52
C ALA A 431 -3.74 -8.89 33.94
N HIS A 432 -4.69 -8.24 33.27
CA HIS A 432 -4.45 -6.89 32.72
C HIS A 432 -5.47 -5.81 33.12
N GLY A 433 -6.35 -6.11 34.06
CA GLY A 433 -7.24 -5.10 34.60
C GLY A 433 -8.27 -4.44 33.69
N LEU A 434 -8.56 -5.05 32.54
CA LEU A 434 -9.69 -4.55 31.73
C LEU A 434 -10.97 -4.96 32.42
N THR A 435 -12.02 -4.15 32.32
CA THR A 435 -13.31 -4.58 32.83
C THR A 435 -13.98 -5.51 31.81
N PRO A 436 -14.89 -6.41 32.26
CA PRO A 436 -15.69 -7.13 31.24
C PRO A 436 -16.56 -6.21 30.38
N GLN A 437 -16.86 -5.03 30.89
CA GLN A 437 -17.60 -4.06 30.12
C GLN A 437 -16.83 -3.76 28.82
N GLN A 438 -15.52 -3.60 28.92
CA GLN A 438 -14.67 -3.20 27.78
C GLN A 438 -14.35 -4.34 26.83
N VAL A 439 -14.14 -5.54 27.37
CA VAL A 439 -13.93 -6.72 26.54
C VAL A 439 -15.15 -7.03 25.68
N VAL A 440 -16.35 -6.88 26.24
CA VAL A 440 -17.58 -7.01 25.47
C VAL A 440 -17.64 -5.95 24.37
N ALA A 441 -17.27 -4.72 24.72
CA ALA A 441 -17.23 -3.66 23.73
C ALA A 441 -16.29 -3.97 22.57
N ILE A 442 -15.15 -4.60 22.83
CA ILE A 442 -14.26 -4.96 21.75
C ILE A 442 -14.77 -6.16 20.95
N ALA A 443 -15.32 -7.17 21.62
CA ALA A 443 -15.90 -8.29 20.91
C ALA A 443 -17.16 -7.95 20.11
N SER A 444 -17.90 -6.91 20.48
CA SER A 444 -19.17 -6.60 19.77
C SER A 444 -18.98 -5.80 18.45
N ASN A 445 -18.16 -6.32 17.55
CA ASN A 445 -18.04 -5.77 16.20
C ASN A 445 -17.64 -6.90 15.29
N GLY A 446 -17.89 -6.72 13.99
CA GLY A 446 -17.16 -7.45 12.96
C GLY A 446 -15.69 -7.50 13.35
N GLY A 447 -15.11 -8.70 13.22
CA GLY A 447 -13.72 -8.90 13.54
C GLY A 447 -13.42 -8.74 15.02
N GLY A 448 -14.39 -9.15 15.85
CA GLY A 448 -14.19 -9.18 17.29
C GLY A 448 -13.08 -10.14 17.67
N ARG A 449 -13.04 -11.33 17.08
CA ARG A 449 -11.99 -12.24 17.48
C ARG A 449 -10.53 -11.74 17.23
N PRO A 450 -10.21 -11.29 16.00
CA PRO A 450 -8.90 -10.71 15.74
C PRO A 450 -8.60 -9.56 16.66
N ALA A 451 -9.55 -8.64 16.80
CA ALA A 451 -9.41 -7.54 17.75
C ALA A 451 -9.00 -8.00 19.18
N LEU A 452 -9.65 -9.02 19.70
CA LEU A 452 -9.31 -9.54 21.02
C LEU A 452 -7.92 -10.17 21.03
N GLU A 453 -7.60 -10.92 20.00
CA GLU A 453 -6.30 -11.58 19.96
C GLU A 453 -5.18 -10.60 19.90
N SER A 454 -5.25 -9.68 18.95
CA SER A 454 -4.33 -8.54 18.86
C SER A 454 -4.12 -7.79 20.17
N ILE A 455 -5.22 -7.40 20.80
CA ILE A 455 -5.18 -6.85 22.15
C ILE A 455 -4.40 -7.69 23.18
N VAL A 456 -4.62 -8.98 23.22
CA VAL A 456 -3.96 -9.82 24.21
C VAL A 456 -2.47 -9.93 23.85
N ALA A 457 -2.19 -10.17 22.59
CA ALA A 457 -0.81 -10.18 22.12
C ALA A 457 -0.03 -8.90 22.52
N GLN A 458 -0.48 -7.73 22.13
CA GLN A 458 0.18 -6.51 22.56
C GLN A 458 0.34 -6.45 24.11
N LEU A 459 -0.70 -6.78 24.88
CA LEU A 459 -0.61 -6.73 26.38
C LEU A 459 0.26 -7.82 27.01
N SER A 460 0.13 -9.06 26.54
CA SER A 460 0.95 -10.17 27.06
C SER A 460 2.46 -9.96 26.83
N ARG A 461 2.83 -9.41 25.66
CA ARG A 461 4.23 -9.34 25.23
C ARG A 461 4.56 -7.98 24.58
N PRO A 462 4.56 -6.89 25.37
CA PRO A 462 4.70 -5.54 24.80
C PRO A 462 5.60 -5.47 23.54
N ALA A 468 2.66 4.33 26.08
CA ALA A 468 2.03 5.61 25.72
C ALA A 468 0.59 5.35 25.28
N LEU A 469 0.41 4.27 24.53
CA LEU A 469 -0.91 3.70 24.39
C LEU A 469 -1.16 2.91 25.66
N THR A 470 -1.74 3.60 26.64
CA THR A 470 -2.16 2.97 27.89
C THR A 470 -3.32 1.98 27.61
N ASN A 471 -3.80 1.30 28.64
CA ASN A 471 -4.71 0.16 28.40
C ASN A 471 -6.06 0.62 27.87
N ASP A 472 -6.53 1.78 28.31
CA ASP A 472 -7.75 2.37 27.77
C ASP A 472 -7.65 2.88 26.34
N HIS A 473 -6.53 3.51 25.95
CA HIS A 473 -6.35 3.89 24.53
C HIS A 473 -6.39 2.65 23.60
N LEU A 474 -5.70 1.57 23.98
CA LEU A 474 -5.76 0.30 23.25
C LEU A 474 -7.18 -0.28 23.07
N VAL A 475 -8.03 -0.10 24.07
CA VAL A 475 -9.42 -0.51 23.98
C VAL A 475 -10.22 0.43 23.06
N ALA A 476 -10.00 1.73 23.18
CA ALA A 476 -10.66 2.67 22.29
C ALA A 476 -10.30 2.35 20.81
N LEU A 477 -9.02 2.01 20.59
CA LEU A 477 -8.54 1.63 19.25
C LEU A 477 -9.11 0.35 18.77
N ALA A 478 -9.18 -0.64 19.64
CA ALA A 478 -9.65 -1.97 19.27
C ALA A 478 -11.12 -2.00 18.95
N CYS A 479 -11.91 -1.22 19.69
CA CYS A 479 -13.32 -1.06 19.38
C CYS A 479 -13.52 -0.38 18.04
N LEU A 480 -12.81 0.72 17.84
CA LEU A 480 -13.01 1.60 16.68
C LEU A 480 -12.61 0.99 15.30
N GLY A 481 -11.47 0.30 15.28
CA GLY A 481 -10.89 -0.29 14.05
C GLY A 481 -10.32 -1.69 14.14
N GLY A 482 -10.56 -2.39 15.23
CA GLY A 482 -10.14 -3.78 15.36
C GLY A 482 -8.65 -4.00 15.20
N ARG A 483 -8.32 -5.19 14.70
CA ARG A 483 -6.95 -5.55 14.33
C ARG A 483 -6.26 -4.53 13.37
N PRO A 484 -6.95 -4.12 12.30
CA PRO A 484 -6.39 -3.09 11.41
C PRO A 484 -5.84 -1.86 12.14
N ALA A 485 -6.64 -1.28 13.04
CA ALA A 485 -6.21 -0.15 13.86
C ALA A 485 -4.96 -0.49 14.68
N LEU A 486 -4.95 -1.68 15.28
CA LEU A 486 -3.82 -2.12 16.11
C LEU A 486 -2.54 -2.29 15.30
N ASP A 487 -2.61 -3.07 14.21
CA ASP A 487 -1.46 -3.19 13.32
C ASP A 487 -0.97 -1.85 12.76
N ALA A 488 -1.90 -0.97 12.33
CA ALA A 488 -1.53 0.34 11.74
C ALA A 488 -0.69 1.09 12.73
N VAL A 489 -1.17 1.15 13.96
CA VAL A 489 -0.44 1.75 15.07
C VAL A 489 0.98 1.24 15.19
N LYS A 490 1.19 -0.08 15.09
CA LYS A 490 2.56 -0.64 15.11
C LYS A 490 3.42 -0.15 13.94
N LYS A 491 2.94 -0.36 12.72
CA LYS A 491 3.66 0.11 11.54
C LYS A 491 4.09 1.56 11.68
N LEU A 492 3.14 2.42 12.03
CA LEU A 492 3.40 3.86 12.18
C LEU A 492 4.49 4.20 13.22
N GLU A 493 4.63 3.41 14.27
CA GLU A 493 5.81 3.53 15.13
C GLU A 493 6.96 2.66 14.63
N HIS A 497 8.58 7.61 14.65
CA HIS A 497 8.93 7.74 16.07
C HIS A 497 10.41 7.44 16.25
N1 5CM B 9 -19.46 -23.21 -5.47
C2 5CM B 9 -18.84 -23.81 -4.39
N3 5CM B 9 -17.58 -23.48 -4.03
C4 5CM B 9 -16.88 -22.54 -4.70
C5 5CM B 9 -17.54 -21.90 -5.84
C5A 5CM B 9 -16.91 -20.85 -6.69
C6 5CM B 9 -18.82 -22.29 -6.16
O2 5CM B 9 -19.43 -24.65 -3.72
N4 5CM B 9 -15.64 -22.28 -4.29
C1' 5CM B 9 -20.85 -23.59 -5.81
C2' 5CM B 9 -21.83 -22.43 -5.76
C3' 5CM B 9 -22.88 -22.85 -6.77
C4' 5CM B 9 -22.22 -23.98 -7.58
O4' 5CM B 9 -20.87 -24.08 -7.13
O3' 5CM B 9 -24.04 -23.38 -6.19
C5' 5CM B 9 -22.24 -23.76 -9.07
O5' 5CM B 9 -21.61 -22.52 -9.33
P 5CM B 9 -21.37 -22.11 -10.86
OP1 5CM B 9 -22.66 -22.35 -11.60
OP2 5CM B 9 -20.72 -20.74 -10.94
N GLY D 5 24.69 46.03 -16.00
CA GLY D 5 25.85 46.96 -15.73
C GLY D 5 25.96 47.44 -14.28
N ARG D 7 25.01 50.26 -13.03
CA ARG D 7 23.56 50.50 -13.16
C ARG D 7 22.77 49.72 -12.11
N ALA D 8 23.18 48.47 -11.89
CA ALA D 8 22.55 47.57 -10.89
C ALA D 8 22.91 47.93 -9.43
N LEU D 9 24.18 48.22 -9.18
CA LEU D 9 24.62 48.76 -7.89
C LEU D 9 23.87 50.05 -7.59
N GLU D 10 23.84 50.92 -8.59
CA GLU D 10 23.19 52.22 -8.48
C GLU D 10 21.71 52.11 -8.14
N ALA D 11 21.01 51.22 -8.83
CA ALA D 11 19.58 51.03 -8.63
C ALA D 11 19.27 50.62 -7.20
N LEU D 12 20.03 49.65 -6.72
CA LEU D 12 19.82 49.12 -5.40
C LEU D 12 20.17 50.13 -4.33
N LEU D 13 21.16 50.96 -4.57
CA LEU D 13 21.50 51.96 -3.60
C LEU D 13 20.41 53.01 -3.58
N THR D 14 19.90 53.35 -4.76
CA THR D 14 18.92 54.42 -4.94
C THR D 14 17.64 54.01 -4.25
N VAL D 15 17.32 52.74 -4.34
CA VAL D 15 16.01 52.35 -3.91
C VAL D 15 15.89 51.56 -2.59
N ALA D 16 17.02 51.11 -2.01
CA ALA D 16 16.97 50.19 -0.85
C ALA D 16 16.34 50.84 0.40
N GLY D 17 16.71 52.08 0.67
CA GLY D 17 16.20 52.75 1.82
C GLY D 17 14.70 52.68 1.86
N GLU D 18 14.05 52.92 0.72
CA GLU D 18 12.60 52.93 0.67
C GLU D 18 11.95 51.53 0.66
N LEU D 19 12.53 50.53 -0.01
CA LEU D 19 12.01 49.19 0.09
C LEU D 19 12.17 48.61 1.52
N ARG D 20 13.09 49.16 2.32
CA ARG D 20 13.25 48.75 3.73
C ARG D 20 12.13 49.36 4.58
N GLY D 21 11.50 50.41 4.05
CA GLY D 21 10.35 51.08 4.65
C GLY D 21 9.01 50.35 4.46
N PRO D 22 7.93 50.89 5.11
CA PRO D 22 6.64 50.28 5.49
C PRO D 22 6.05 49.14 4.65
N PRO D 23 5.68 49.39 3.38
CA PRO D 23 4.80 48.35 2.81
C PRO D 23 5.44 46.98 2.88
N LEU D 24 6.61 46.86 2.24
CA LEU D 24 7.33 45.58 2.12
C LEU D 24 8.27 45.33 3.27
N GLN D 25 8.93 46.39 3.72
CA GLN D 25 9.87 46.30 4.81
C GLN D 25 10.94 45.23 4.60
N LEU D 26 11.57 45.24 3.44
CA LEU D 26 12.57 44.23 3.10
C LEU D 26 13.86 44.39 3.90
N ASP D 27 14.52 43.26 4.15
CA ASP D 27 15.82 43.27 4.77
C ASP D 27 16.91 43.04 3.70
N THR D 28 18.16 43.05 4.14
CA THR D 28 19.31 42.90 3.24
C THR D 28 19.29 41.65 2.35
N GLY D 29 18.99 40.52 2.98
CA GLY D 29 18.92 39.23 2.29
C GLY D 29 17.95 39.26 1.12
N GLN D 30 16.77 39.83 1.34
CA GLN D 30 15.74 39.83 0.31
C GLN D 30 16.10 40.77 -0.84
N LEU D 31 16.63 41.94 -0.47
CA LEU D 31 17.12 42.88 -1.46
C LEU D 31 18.19 42.23 -2.33
N LEU D 32 19.07 41.50 -1.67
CA LEU D 32 20.18 40.86 -2.35
C LEU D 32 19.65 39.82 -3.31
N LYS D 33 18.64 39.08 -2.85
CA LYS D 33 17.99 38.04 -3.65
C LYS D 33 17.33 38.60 -4.93
N ILE D 34 16.63 39.72 -4.81
CA ILE D 34 16.00 40.28 -6.00
C ILE D 34 17.03 40.85 -6.96
N ALA D 35 18.01 41.57 -6.42
CA ALA D 35 19.08 42.07 -7.26
C ALA D 35 19.80 40.97 -8.04
N LYS D 36 20.20 39.91 -7.37
CA LYS D 36 20.91 38.81 -8.02
C LYS D 36 20.09 38.02 -9.06
N ARG D 37 18.80 37.79 -8.83
CA ARG D 37 18.07 36.90 -9.75
C ARG D 37 17.05 37.62 -10.63
N GLY D 38 16.45 38.71 -10.15
CA GLY D 38 15.57 39.49 -11.01
C GLY D 38 16.20 40.66 -11.71
N GLY D 39 17.37 41.11 -11.24
CA GLY D 39 18.13 42.13 -11.92
C GLY D 39 17.64 43.51 -11.56
N VAL D 40 18.27 44.53 -12.12
CA VAL D 40 17.87 45.91 -11.85
C VAL D 40 16.42 46.19 -12.21
N THR D 41 15.93 45.60 -13.29
CA THR D 41 14.62 45.99 -13.73
C THR D 41 13.55 45.45 -12.78
N ALA D 42 13.87 44.32 -12.15
CA ALA D 42 13.00 43.72 -11.15
C ALA D 42 12.99 44.55 -9.89
N VAL D 43 14.17 45.06 -9.51
CA VAL D 43 14.27 45.94 -8.37
C VAL D 43 13.49 47.22 -8.57
N GLU D 44 13.49 47.75 -9.79
CA GLU D 44 12.78 49.01 -10.04
C GLU D 44 11.28 48.80 -10.09
N ALA D 45 10.87 47.68 -10.68
CA ALA D 45 9.47 47.32 -10.71
C ALA D 45 8.94 47.20 -9.26
N VAL D 46 9.66 46.50 -8.40
CA VAL D 46 9.14 46.22 -7.07
C VAL D 46 8.92 47.54 -6.36
N HIS D 47 9.92 48.40 -6.43
CA HIS D 47 9.80 49.74 -5.86
C HIS D 47 8.63 50.51 -6.43
N ALA D 48 8.51 50.55 -7.74
CA ALA D 48 7.39 51.25 -8.39
C ALA D 48 6.03 50.68 -7.97
N TRP D 49 5.83 49.38 -8.10
CA TRP D 49 4.52 48.74 -7.89
C TRP D 49 4.33 48.18 -6.49
N ARG D 50 5.16 48.58 -5.54
CA ARG D 50 5.05 48.04 -4.18
C ARG D 50 3.69 48.24 -3.52
N ASN D 51 2.99 49.33 -3.83
CA ASN D 51 1.67 49.57 -3.24
C ASN D 51 0.56 48.73 -3.87
N ALA D 52 0.56 48.67 -5.20
CA ALA D 52 -0.39 47.89 -5.98
C ALA D 52 -0.36 46.40 -5.64
N LEU D 53 0.85 45.90 -5.49
CA LEU D 53 1.04 44.48 -5.17
C LEU D 53 0.65 44.14 -3.75
N THR D 54 0.87 45.09 -2.86
CA THR D 54 0.78 44.80 -1.44
C THR D 54 -0.64 44.86 -0.90
N GLY D 55 -1.54 45.57 -1.58
CA GLY D 55 -2.90 45.78 -1.05
C GLY D 55 -3.95 45.42 -2.08
N ALA D 56 -5.09 46.10 -1.99
CA ALA D 56 -6.09 46.12 -3.04
C ALA D 56 -6.71 44.73 -3.09
N PRO D 57 -6.94 44.16 -4.28
CA PRO D 57 -7.44 42.81 -4.12
C PRO D 57 -6.32 41.80 -4.23
N LEU D 58 -5.07 42.24 -4.39
CA LEU D 58 -3.94 41.31 -4.43
C LEU D 58 -3.55 40.89 -3.03
N ASN D 59 -3.23 41.86 -2.18
CA ASN D 59 -2.85 41.57 -0.80
C ASN D 59 -1.69 40.60 -0.68
N LEU D 60 -0.68 40.76 -1.51
CA LEU D 60 0.48 39.87 -1.44
C LEU D 60 1.35 40.21 -0.23
N THR D 61 1.94 39.17 0.36
CA THR D 61 2.88 39.36 1.44
C THR D 61 4.22 39.74 0.80
N PRO D 62 5.08 40.47 1.55
CA PRO D 62 6.39 40.79 0.98
C PRO D 62 7.17 39.55 0.52
N GLU D 63 7.03 38.44 1.23
CA GLU D 63 7.75 37.22 0.88
C GLU D 63 7.23 36.68 -0.49
N GLN D 64 5.94 36.87 -0.75
CA GLN D 64 5.37 36.52 -2.06
C GLN D 64 5.83 37.44 -3.18
N VAL D 65 5.99 38.72 -2.87
CA VAL D 65 6.51 39.68 -3.85
C VAL D 65 7.98 39.37 -4.20
N VAL D 66 8.78 39.07 -3.19
CA VAL D 66 10.18 38.72 -3.39
C VAL D 66 10.29 37.47 -4.29
N ALA D 67 9.45 36.45 -4.04
CA ALA D 67 9.49 35.21 -4.77
C ALA D 67 9.17 35.39 -6.25
N ILE D 68 8.19 36.24 -6.54
CA ILE D 68 7.86 36.56 -7.94
C ILE D 68 8.95 37.45 -8.55
N ALA D 69 9.46 38.43 -7.82
CA ALA D 69 10.46 39.30 -8.39
C ALA D 69 11.77 38.59 -8.73
N SER D 70 12.12 37.48 -8.06
CA SER D 70 13.49 36.94 -8.13
C SER D 70 13.80 35.90 -9.22
N HIS D 71 13.44 36.25 -10.44
CA HIS D 71 13.66 35.41 -11.60
C HIS D 71 13.85 36.30 -12.79
N ASP D 72 14.47 35.75 -13.82
CA ASP D 72 14.53 36.45 -15.10
C ASP D 72 13.09 36.76 -15.54
N GLY D 73 12.86 37.96 -16.03
CA GLY D 73 11.56 38.42 -16.41
C GLY D 73 10.69 38.78 -15.21
N GLY D 74 11.25 38.74 -14.01
CA GLY D 74 10.46 39.02 -12.80
C GLY D 74 9.49 40.18 -12.92
N LYS D 75 9.95 41.28 -13.50
CA LYS D 75 9.09 42.42 -13.78
C LYS D 75 7.88 42.02 -14.61
N GLN D 76 8.08 41.18 -15.62
CA GLN D 76 6.96 40.71 -16.44
C GLN D 76 6.00 39.91 -15.57
N ALA D 77 6.55 39.05 -14.72
CA ALA D 77 5.75 38.25 -13.81
C ALA D 77 4.88 39.09 -12.84
N LEU D 78 5.49 40.11 -12.24
CA LEU D 78 4.81 41.03 -11.34
C LEU D 78 3.66 41.76 -12.03
N GLU D 79 3.91 42.16 -13.27
CA GLU D 79 2.91 42.88 -14.06
C GLU D 79 1.75 41.98 -14.38
N THR D 80 2.07 40.78 -14.79
CA THR D 80 1.08 39.83 -15.21
C THR D 80 0.25 39.32 -14.03
N VAL D 81 0.91 39.11 -12.90
CA VAL D 81 0.23 38.74 -11.66
C VAL D 81 -0.85 39.75 -11.27
N GLN D 82 -0.54 41.04 -11.28
CA GLN D 82 -1.53 42.06 -10.90
C GLN D 82 -2.72 42.00 -11.84
N ARG D 83 -2.47 41.66 -13.09
CA ARG D 83 -3.54 41.55 -14.07
C ARG D 83 -4.31 40.22 -14.02
N LEU D 84 -3.63 39.09 -13.81
CA LEU D 84 -4.28 37.77 -13.94
C LEU D 84 -4.59 37.09 -12.64
N LEU D 85 -4.01 37.50 -11.52
CA LEU D 85 -4.36 36.79 -10.29
C LEU D 85 -5.90 36.76 -10.07
N PRO D 86 -6.60 37.90 -10.18
CA PRO D 86 -8.05 37.90 -9.88
C PRO D 86 -8.85 37.00 -10.81
N VAL D 87 -8.47 36.99 -12.08
CA VAL D 87 -9.15 36.17 -13.11
C VAL D 87 -8.93 34.69 -12.87
N LEU D 88 -7.69 34.33 -12.62
CA LEU D 88 -7.33 32.96 -12.28
C LEU D 88 -8.01 32.47 -11.01
N CYS D 89 -8.13 33.33 -10.01
CA CYS D 89 -8.81 32.96 -8.79
C CYS D 89 -10.32 32.83 -8.99
N GLN D 90 -10.94 33.86 -9.57
CA GLN D 90 -12.40 33.99 -9.63
C GLN D 90 -13.05 33.08 -10.68
N ALA D 91 -12.46 33.05 -11.87
CA ALA D 91 -13.01 32.34 -13.01
C ALA D 91 -12.51 30.89 -13.10
N HIS D 92 -11.25 30.63 -12.72
CA HIS D 92 -10.68 29.27 -12.84
C HIS D 92 -10.55 28.47 -11.53
N GLY D 93 -10.97 29.03 -10.38
CA GLY D 93 -10.95 28.24 -9.13
C GLY D 93 -9.62 28.09 -8.38
N LEU D 94 -8.54 28.66 -8.88
CA LEU D 94 -7.25 28.61 -8.18
C LEU D 94 -7.18 29.56 -6.98
N THR D 95 -6.27 29.26 -6.06
CA THR D 95 -6.04 30.13 -4.91
C THR D 95 -4.87 31.07 -5.21
N PRO D 96 -4.77 32.17 -4.47
CA PRO D 96 -3.65 33.07 -4.68
C PRO D 96 -2.29 32.40 -4.60
N GLN D 97 -2.15 31.43 -3.67
CA GLN D 97 -0.86 30.77 -3.46
C GLN D 97 -0.44 30.00 -4.71
N GLN D 98 -1.42 29.39 -5.37
CA GLN D 98 -1.17 28.65 -6.58
C GLN D 98 -0.72 29.57 -7.68
N VAL D 99 -1.33 30.73 -7.74
CA VAL D 99 -1.01 31.72 -8.74
C VAL D 99 0.42 32.28 -8.55
N VAL D 100 0.79 32.52 -7.30
CA VAL D 100 2.16 32.93 -6.97
C VAL D 100 3.14 31.84 -7.33
N ALA D 101 2.75 30.59 -7.15
CA ALA D 101 3.69 29.47 -7.40
C ALA D 101 3.96 29.31 -8.85
N ILE D 102 2.92 29.47 -9.68
CA ILE D 102 3.12 29.50 -11.13
C ILE D 102 4.00 30.69 -11.52
N ALA D 103 3.79 31.82 -10.88
CA ALA D 103 4.49 33.04 -11.27
C ALA D 103 5.95 33.04 -10.85
N SER D 104 6.34 32.19 -9.88
CA SER D 104 7.69 32.24 -9.28
C SER D 104 8.77 31.40 -9.99
N HIS D 105 8.86 31.58 -11.29
CA HIS D 105 9.86 30.90 -12.08
C HIS D 105 10.22 31.88 -13.16
N ASP D 106 11.37 31.64 -13.80
CA ASP D 106 11.74 32.34 -15.00
C ASP D 106 10.60 32.17 -15.99
N GLY D 107 10.21 33.26 -16.63
CA GLY D 107 9.16 33.19 -17.64
C GLY D 107 7.79 33.04 -17.04
N GLY D 108 7.67 33.36 -15.75
CA GLY D 108 6.40 33.31 -15.05
C GLY D 108 5.26 33.91 -15.84
N LYS D 109 5.48 35.05 -16.47
CA LYS D 109 4.42 35.67 -17.24
C LYS D 109 3.76 34.66 -18.23
N GLN D 110 4.59 33.91 -18.94
CA GLN D 110 4.16 33.04 -20.04
C GLN D 110 3.38 31.88 -19.49
N ALA D 111 3.85 31.36 -18.37
CA ALA D 111 3.14 30.29 -17.71
C ALA D 111 1.78 30.76 -17.27
N LEU D 112 1.71 31.92 -16.63
CA LEU D 112 0.41 32.45 -16.17
C LEU D 112 -0.56 32.61 -17.34
N GLU D 113 -0.12 33.26 -18.42
CA GLU D 113 -0.98 33.39 -19.62
C GLU D 113 -1.36 32.05 -20.28
N THR D 114 -0.50 31.06 -20.21
CA THR D 114 -0.82 29.80 -20.81
C THR D 114 -1.83 29.05 -19.96
N VAL D 115 -1.67 29.13 -18.64
CA VAL D 115 -2.68 28.54 -17.76
C VAL D 115 -4.03 29.14 -17.99
N GLN D 116 -4.10 30.48 -18.01
CA GLN D 116 -5.33 31.18 -18.36
C GLN D 116 -5.97 30.55 -19.62
N ARG D 117 -5.17 30.41 -20.65
CA ARG D 117 -5.61 29.91 -21.94
C ARG D 117 -5.91 28.41 -21.94
N LEU D 118 -5.06 27.58 -21.33
CA LEU D 118 -5.16 26.12 -21.51
C LEU D 118 -5.82 25.36 -20.39
N LEU D 119 -5.89 25.91 -19.20
CA LEU D 119 -6.43 25.11 -18.09
C LEU D 119 -7.82 24.50 -18.36
N PRO D 120 -8.74 25.25 -18.97
CA PRO D 120 -10.05 24.68 -19.23
C PRO D 120 -10.01 23.50 -20.14
N VAL D 121 -9.29 23.60 -21.25
CA VAL D 121 -9.23 22.48 -22.22
C VAL D 121 -8.58 21.25 -21.61
N LEU D 122 -7.50 21.47 -20.85
CA LEU D 122 -6.76 20.37 -20.23
C LEU D 122 -7.60 19.63 -19.21
N CYS D 123 -8.42 20.36 -18.48
CA CYS D 123 -9.35 19.71 -17.58
C CYS D 123 -10.51 19.03 -18.35
N GLN D 124 -11.20 19.77 -19.21
CA GLN D 124 -12.40 19.20 -19.85
C GLN D 124 -12.04 18.09 -20.83
N ALA D 125 -11.27 18.44 -21.86
CA ALA D 125 -10.97 17.49 -22.90
C ALA D 125 -10.01 16.39 -22.41
N HIS D 126 -8.96 16.74 -21.69
CA HIS D 126 -7.97 15.74 -21.29
C HIS D 126 -8.22 15.12 -19.91
N GLY D 127 -9.17 15.64 -19.14
CA GLY D 127 -9.43 15.06 -17.81
C GLY D 127 -8.42 15.34 -16.70
N LEU D 128 -7.53 16.31 -16.86
CA LEU D 128 -6.64 16.67 -15.73
C LEU D 128 -7.38 17.47 -14.68
N THR D 129 -6.81 17.50 -13.48
CA THR D 129 -7.34 18.33 -12.41
C THR D 129 -6.60 19.69 -12.45
N PRO D 130 -7.24 20.74 -11.90
CA PRO D 130 -6.58 22.03 -11.77
C PRO D 130 -5.25 21.89 -11.03
N GLU D 131 -5.19 20.99 -10.05
CA GLU D 131 -3.95 20.76 -9.32
C GLU D 131 -2.84 20.29 -10.25
N GLN D 132 -3.16 19.37 -11.15
CA GLN D 132 -2.13 18.81 -12.02
C GLN D 132 -1.65 19.87 -12.99
N VAL D 133 -2.55 20.73 -13.42
CA VAL D 133 -2.20 21.73 -14.39
C VAL D 133 -1.25 22.74 -13.72
N VAL D 134 -1.49 23.00 -12.44
CA VAL D 134 -0.65 23.90 -11.69
C VAL D 134 0.76 23.35 -11.47
N ALA D 135 0.83 22.05 -11.26
CA ALA D 135 2.12 21.37 -11.09
C ALA D 135 2.91 21.43 -12.38
N ILE D 136 2.25 21.27 -13.52
CA ILE D 136 2.94 21.34 -14.79
C ILE D 136 3.46 22.76 -15.04
N ALA D 137 2.64 23.73 -14.73
CA ALA D 137 2.92 25.10 -14.98
C ALA D 137 3.99 25.69 -14.07
N SER D 138 4.23 25.09 -12.90
CA SER D 138 5.06 25.71 -11.83
C SER D 138 6.56 25.38 -11.89
N HIS D 139 7.13 25.44 -13.10
CA HIS D 139 8.53 25.29 -13.36
C HIS D 139 8.94 26.26 -14.48
N ASP D 140 10.25 26.57 -14.55
CA ASP D 140 10.76 27.25 -15.72
C ASP D 140 10.28 26.45 -16.97
N GLY D 141 9.93 27.16 -18.05
CA GLY D 141 9.44 26.57 -19.28
C GLY D 141 7.99 26.08 -19.22
N GLY D 142 7.25 26.49 -18.20
CA GLY D 142 5.92 25.94 -17.93
C GLY D 142 4.96 26.12 -19.11
N LYS D 143 5.05 27.25 -19.79
CA LYS D 143 4.30 27.44 -21.04
C LYS D 143 4.47 26.26 -21.98
N GLN D 144 5.73 25.92 -22.21
CA GLN D 144 6.12 24.90 -23.15
C GLN D 144 5.63 23.53 -22.73
N ALA D 145 5.71 23.30 -21.43
CA ALA D 145 5.32 22.01 -20.92
C ALA D 145 3.80 21.81 -21.02
N LEU D 146 3.04 22.86 -20.73
CA LEU D 146 1.61 22.84 -20.84
C LEU D 146 1.22 22.61 -22.28
N GLU D 147 1.82 23.36 -23.19
CA GLU D 147 1.48 23.19 -24.59
C GLU D 147 1.83 21.80 -25.12
N THR D 148 2.92 21.23 -24.63
CA THR D 148 3.30 19.90 -25.07
C THR D 148 2.40 18.81 -24.45
N VAL D 149 1.94 19.01 -23.23
CA VAL D 149 1.02 18.06 -22.67
C VAL D 149 -0.26 18.04 -23.52
N GLN D 150 -0.74 19.23 -23.84
CA GLN D 150 -1.92 19.35 -24.66
C GLN D 150 -1.74 18.61 -25.97
N ALA D 151 -0.61 18.81 -26.63
CA ALA D 151 -0.41 18.18 -27.94
C ALA D 151 -0.14 16.70 -27.82
N LEU D 152 0.53 16.26 -26.79
CA LEU D 152 1.04 14.89 -26.75
C LEU D 152 0.41 13.97 -25.75
N LEU D 153 -0.42 14.44 -24.86
CA LEU D 153 -0.99 13.49 -23.89
C LEU D 153 -1.81 12.32 -24.53
N PRO D 154 -2.54 12.58 -25.64
CA PRO D 154 -3.25 11.48 -26.29
C PRO D 154 -2.36 10.39 -26.85
N VAL D 155 -1.28 10.78 -27.53
CA VAL D 155 -0.43 9.80 -28.18
C VAL D 155 0.37 9.05 -27.14
N LEU D 156 0.77 9.73 -26.08
CA LEU D 156 1.54 9.07 -25.05
C LEU D 156 0.72 8.05 -24.26
N CYS D 157 -0.56 8.34 -24.09
CA CYS D 157 -1.49 7.38 -23.53
C CYS D 157 -1.88 6.26 -24.47
N GLN D 158 -2.30 6.59 -25.68
CA GLN D 158 -2.82 5.58 -26.57
C GLN D 158 -1.76 4.75 -27.27
N ALA D 159 -0.68 5.36 -27.70
CA ALA D 159 0.30 4.68 -28.53
C ALA D 159 1.41 4.11 -27.70
N HIS D 160 1.68 4.72 -26.58
CA HIS D 160 2.80 4.30 -25.73
C HIS D 160 2.33 3.74 -24.40
N GLY D 161 1.01 3.72 -24.18
CA GLY D 161 0.43 3.05 -23.01
C GLY D 161 0.74 3.65 -21.65
N LEU D 162 1.15 4.92 -21.62
CA LEU D 162 1.31 5.64 -20.37
C LEU D 162 -0.03 6.14 -19.82
N THR D 163 -0.04 6.46 -18.53
CA THR D 163 -1.20 7.05 -17.88
C THR D 163 -1.06 8.54 -17.87
N PRO D 164 -2.17 9.25 -17.74
CA PRO D 164 -2.07 10.68 -17.54
C PRO D 164 -1.25 11.05 -16.32
N GLU D 165 -1.31 10.26 -15.25
CA GLU D 165 -0.49 10.61 -14.06
C GLU D 165 0.98 10.57 -14.42
N GLN D 166 1.37 9.55 -15.19
CA GLN D 166 2.74 9.47 -15.71
C GLN D 166 3.17 10.63 -16.58
N VAL D 167 2.28 11.03 -17.48
CA VAL D 167 2.59 12.12 -18.38
C VAL D 167 2.81 13.43 -17.58
N VAL D 168 1.95 13.64 -16.59
CA VAL D 168 2.04 14.75 -15.66
C VAL D 168 3.33 14.69 -14.82
N ALA D 169 3.77 13.52 -14.43
CA ALA D 169 5.02 13.43 -13.72
C ALA D 169 6.18 13.85 -14.60
N ILE D 170 6.19 13.44 -15.87
CA ILE D 170 7.29 13.82 -16.80
C ILE D 170 7.24 15.32 -17.12
N ALA D 171 6.03 15.83 -17.26
CA ALA D 171 5.83 17.24 -17.59
C ALA D 171 6.18 18.17 -16.44
N SER D 172 6.02 17.71 -15.19
CA SER D 172 6.20 18.55 -14.01
C SER D 172 7.68 18.78 -13.56
N ASN D 173 8.59 18.96 -14.54
CA ASN D 173 9.95 19.46 -14.29
C ASN D 173 10.34 20.52 -15.29
N GLY D 174 11.37 21.30 -14.99
CA GLY D 174 12.01 22.13 -15.99
C GLY D 174 12.48 21.33 -17.22
N GLY D 175 12.27 21.89 -18.40
CA GLY D 175 12.51 21.19 -19.66
C GLY D 175 11.51 20.05 -19.86
N GLY D 176 10.33 20.21 -19.27
CA GLY D 176 9.25 19.24 -19.37
C GLY D 176 8.92 18.92 -20.81
N LYS D 177 8.89 19.93 -21.65
CA LYS D 177 8.62 19.73 -23.07
C LYS D 177 9.64 18.77 -23.67
N GLN D 178 10.90 19.00 -23.33
CA GLN D 178 12.00 18.24 -23.90
C GLN D 178 11.92 16.77 -23.50
N ALA D 179 11.56 16.55 -22.25
CA ALA D 179 11.49 15.21 -21.72
C ALA D 179 10.34 14.48 -22.36
N LEU D 180 9.22 15.16 -22.51
CA LEU D 180 8.03 14.54 -23.11
C LEU D 180 8.29 14.16 -24.56
N GLU D 181 8.96 15.01 -25.29
CA GLU D 181 9.31 14.68 -26.67
C GLU D 181 10.31 13.56 -26.76
N THR D 182 11.18 13.49 -25.79
CA THR D 182 12.18 12.47 -25.79
C THR D 182 11.58 11.14 -25.40
N VAL D 183 10.65 11.19 -24.47
CA VAL D 183 9.97 9.96 -24.08
C VAL D 183 9.20 9.46 -25.28
N GLN D 184 8.50 10.37 -25.96
CA GLN D 184 7.76 9.99 -27.17
C GLN D 184 8.66 9.30 -28.15
N ARG D 185 9.88 9.81 -28.31
CA ARG D 185 10.79 9.29 -29.32
C ARG D 185 11.50 8.00 -28.89
N LEU D 186 11.97 7.94 -27.64
CA LEU D 186 12.85 6.84 -27.20
C LEU D 186 12.19 5.69 -26.43
N LEU D 187 10.99 5.87 -25.92
CA LEU D 187 10.34 4.80 -25.12
C LEU D 187 10.30 3.44 -25.85
N PRO D 188 9.98 3.45 -27.15
CA PRO D 188 10.02 2.16 -27.86
C PRO D 188 11.37 1.45 -27.91
N VAL D 189 12.47 2.19 -28.19
CA VAL D 189 13.80 1.54 -28.17
C VAL D 189 14.25 1.12 -26.78
N LEU D 190 14.04 1.99 -25.80
CA LEU D 190 14.48 1.71 -24.45
C LEU D 190 13.77 0.47 -23.92
N CYS D 191 12.52 0.26 -24.29
CA CYS D 191 11.80 -0.93 -23.85
C CYS D 191 12.18 -2.17 -24.64
N GLN D 192 11.96 -2.09 -25.95
CA GLN D 192 12.11 -3.23 -26.82
C GLN D 192 13.57 -3.61 -27.01
N ALA D 193 14.47 -2.65 -27.19
CA ALA D 193 15.89 -2.99 -27.38
C ALA D 193 16.64 -3.23 -26.06
N HIS D 194 16.59 -2.27 -25.12
CA HIS D 194 17.35 -2.42 -23.90
C HIS D 194 16.63 -3.20 -22.78
N GLY D 195 15.38 -3.61 -23.00
CA GLY D 195 14.65 -4.32 -21.97
C GLY D 195 14.14 -3.54 -20.76
N LEU D 196 14.07 -2.22 -20.84
CA LEU D 196 13.49 -1.43 -19.75
C LEU D 196 11.99 -1.56 -19.75
N THR D 197 11.36 -1.30 -18.61
CA THR D 197 9.91 -1.14 -18.54
C THR D 197 9.51 0.35 -18.63
N PRO D 198 8.29 0.65 -19.10
CA PRO D 198 7.77 2.03 -19.17
C PRO D 198 7.96 2.79 -17.88
N GLN D 199 7.69 2.12 -16.76
CA GLN D 199 7.84 2.71 -15.46
C GLN D 199 9.25 3.26 -15.27
N GLN D 200 10.21 2.43 -15.63
CA GLN D 200 11.58 2.83 -15.49
C GLN D 200 11.94 4.02 -16.40
N VAL D 201 11.43 4.00 -17.62
CA VAL D 201 11.65 5.08 -18.55
C VAL D 201 11.05 6.34 -17.95
N VAL D 202 9.85 6.18 -17.39
CA VAL D 202 9.16 7.31 -16.79
C VAL D 202 9.97 7.88 -15.62
N ALA D 203 10.50 7.02 -14.75
CA ALA D 203 11.33 7.46 -13.61
C ALA D 203 12.58 8.28 -14.04
N ILE D 204 13.19 7.91 -15.16
CA ILE D 204 14.36 8.61 -15.61
C ILE D 204 14.00 9.96 -16.18
N ALA D 205 12.81 10.01 -16.78
CA ALA D 205 12.37 11.18 -17.49
C ALA D 205 11.77 12.19 -16.50
N SER D 206 11.42 11.73 -15.31
CA SER D 206 10.63 12.57 -14.37
C SER D 206 11.52 13.48 -13.50
N ASN D 207 12.65 13.93 -14.03
CA ASN D 207 13.50 14.93 -13.38
C ASN D 207 13.93 15.99 -14.36
N GLY D 208 14.41 17.12 -13.84
CA GLY D 208 15.04 18.16 -14.67
C GLY D 208 16.16 17.52 -15.49
N GLY D 209 16.33 17.95 -16.74
CA GLY D 209 17.25 17.31 -17.68
C GLY D 209 16.95 15.86 -18.07
N GLY D 210 15.71 15.42 -17.89
CA GLY D 210 15.28 14.07 -18.26
C GLY D 210 15.63 13.71 -19.69
N LYS D 211 15.56 14.67 -20.61
CA LYS D 211 15.92 14.41 -22.00
C LYS D 211 17.34 13.88 -22.05
N GLN D 212 18.20 14.56 -21.32
CA GLN D 212 19.62 14.30 -21.38
C GLN D 212 19.90 12.94 -20.77
N ALA D 213 19.16 12.63 -19.71
CA ALA D 213 19.30 11.35 -19.05
C ALA D 213 18.80 10.17 -19.89
N LEU D 214 17.72 10.37 -20.63
CA LEU D 214 17.20 9.34 -21.50
C LEU D 214 18.16 9.03 -22.67
N GLU D 215 18.78 10.05 -23.23
CA GLU D 215 19.65 9.87 -24.35
C GLU D 215 20.92 9.21 -23.88
N THR D 216 21.29 9.52 -22.65
CA THR D 216 22.49 8.96 -22.11
C THR D 216 22.25 7.52 -21.74
N VAL D 217 21.13 7.24 -21.12
CA VAL D 217 20.78 5.86 -20.85
C VAL D 217 20.69 5.04 -22.13
N GLN D 218 20.14 5.62 -23.20
CA GLN D 218 20.09 4.90 -24.45
C GLN D 218 21.51 4.55 -24.91
N ARG D 219 22.39 5.54 -24.84
CA ARG D 219 23.73 5.44 -25.31
C ARG D 219 24.63 4.60 -24.42
N LEU D 220 24.51 4.65 -23.08
CA LEU D 220 25.50 3.98 -22.19
C LEU D 220 25.02 2.76 -21.44
N LEU D 221 23.75 2.40 -21.51
CA LEU D 221 23.28 1.28 -20.69
C LEU D 221 24.01 -0.02 -21.02
N PRO D 222 24.08 -0.38 -22.31
CA PRO D 222 24.87 -1.53 -22.74
C PRO D 222 26.29 -1.58 -22.21
N VAL D 223 27.04 -0.50 -22.41
CA VAL D 223 28.44 -0.45 -21.95
C VAL D 223 28.57 -0.69 -20.43
N LEU D 224 27.70 -0.02 -19.67
CA LEU D 224 27.78 -0.07 -18.22
C LEU D 224 27.41 -1.42 -17.65
N CYS D 225 26.52 -2.15 -18.34
CA CYS D 225 26.19 -3.51 -17.93
C CYS D 225 27.16 -4.52 -18.51
N GLN D 226 27.39 -4.45 -19.82
CA GLN D 226 28.22 -5.45 -20.48
C GLN D 226 29.70 -5.33 -20.15
N ALA D 227 30.23 -4.11 -20.17
CA ALA D 227 31.67 -3.89 -19.99
C ALA D 227 32.11 -3.52 -18.57
N HIS D 228 31.21 -2.99 -17.74
CA HIS D 228 31.54 -2.62 -16.34
C HIS D 228 30.80 -3.39 -15.27
N GLY D 229 29.86 -4.24 -15.64
CA GLY D 229 29.18 -5.10 -14.68
C GLY D 229 28.14 -4.46 -13.76
N LEU D 230 27.57 -3.32 -14.13
CA LEU D 230 26.43 -2.82 -13.38
C LEU D 230 25.18 -3.48 -13.89
N THR D 231 24.15 -3.47 -13.08
CA THR D 231 22.86 -4.00 -13.50
C THR D 231 22.05 -2.88 -14.17
N PRO D 232 21.06 -3.24 -14.99
CA PRO D 232 20.15 -2.23 -15.49
C PRO D 232 19.47 -1.48 -14.35
N GLN D 233 19.16 -2.16 -13.25
CA GLN D 233 18.46 -1.52 -12.13
C GLN D 233 19.35 -0.37 -11.56
N GLN D 234 20.66 -0.63 -11.46
CA GLN D 234 21.62 0.34 -10.95
C GLN D 234 21.78 1.55 -11.90
N VAL D 235 21.81 1.26 -13.20
CA VAL D 235 21.99 2.27 -14.19
C VAL D 235 20.81 3.21 -14.19
N VAL D 236 19.64 2.62 -14.17
CA VAL D 236 18.38 3.34 -14.02
C VAL D 236 18.33 4.22 -12.75
N ALA D 237 18.82 3.69 -11.64
CA ALA D 237 18.87 4.44 -10.40
C ALA D 237 19.81 5.65 -10.51
N ILE D 238 20.94 5.47 -11.15
CA ILE D 238 21.85 6.58 -11.34
C ILE D 238 21.17 7.61 -12.22
N ALA D 239 20.51 7.14 -13.29
CA ALA D 239 19.87 8.00 -14.27
C ALA D 239 18.62 8.74 -13.74
N SER D 240 18.08 8.33 -12.59
CA SER D 240 16.82 8.82 -12.06
C SER D 240 16.99 10.02 -11.12
N HIS D 241 18.07 10.77 -11.27
CA HIS D 241 18.18 12.05 -10.60
C HIS D 241 18.51 13.06 -11.60
N ALA D 242 18.07 14.29 -11.34
CA ALA D 242 18.49 15.39 -12.17
C ALA D 242 20.02 15.41 -12.29
N GLY D 243 20.50 15.64 -13.50
CA GLY D 243 21.93 15.50 -13.77
C GLY D 243 22.34 14.09 -14.12
N GLY D 244 21.36 13.17 -14.19
CA GLY D 244 21.60 11.75 -14.52
C GLY D 244 22.59 11.52 -15.66
N LYS D 245 22.50 12.33 -16.70
CA LYS D 245 23.47 12.26 -17.75
C LYS D 245 24.91 12.37 -17.23
N GLN D 246 25.14 13.38 -16.41
CA GLN D 246 26.45 13.70 -15.90
C GLN D 246 26.92 12.56 -15.02
N ALA D 247 26.04 12.09 -14.16
CA ALA D 247 26.40 11.00 -13.22
C ALA D 247 26.72 9.71 -13.99
N LEU D 248 25.98 9.44 -15.05
CA LEU D 248 26.24 8.28 -15.87
C LEU D 248 27.60 8.34 -16.54
N GLU D 249 27.97 9.49 -17.10
CA GLU D 249 29.23 9.62 -17.81
C GLU D 249 30.39 9.52 -16.86
N THR D 250 30.25 10.11 -15.69
CA THR D 250 31.31 10.10 -14.73
C THR D 250 31.49 8.69 -14.19
N VAL D 251 30.40 7.96 -13.96
CA VAL D 251 30.48 6.55 -13.53
C VAL D 251 31.29 5.72 -14.52
N GLN D 252 31.01 5.87 -15.80
CA GLN D 252 31.77 5.20 -16.85
C GLN D 252 33.25 5.53 -16.78
N ARG D 253 33.58 6.82 -16.70
CA ARG D 253 34.96 7.24 -16.62
C ARG D 253 35.63 6.84 -15.28
N LEU D 254 34.93 6.90 -14.14
CA LEU D 254 35.60 6.69 -12.85
C LEU D 254 35.42 5.34 -12.18
N LEU D 255 34.50 4.51 -12.64
CA LEU D 255 34.30 3.19 -12.01
C LEU D 255 35.56 2.31 -11.97
N PRO D 256 36.33 2.27 -13.09
CA PRO D 256 37.55 1.44 -13.05
C PRO D 256 38.59 1.96 -12.02
N VAL D 257 38.81 3.27 -12.04
CA VAL D 257 39.74 3.90 -11.11
C VAL D 257 39.33 3.74 -9.63
N LEU D 258 38.05 3.93 -9.35
CA LEU D 258 37.59 3.97 -7.97
C LEU D 258 37.55 2.60 -7.34
N CYS D 259 37.37 1.58 -8.18
CA CYS D 259 37.38 0.20 -7.70
C CYS D 259 38.78 -0.37 -7.71
N GLN D 260 39.55 -0.12 -8.78
CA GLN D 260 40.95 -0.59 -8.85
C GLN D 260 41.83 0.15 -7.83
N ALA D 261 42.14 1.40 -8.12
CA ALA D 261 43.14 2.16 -7.36
C ALA D 261 42.73 2.56 -5.92
N HIS D 262 41.43 2.75 -5.65
CA HIS D 262 40.96 3.21 -4.31
C HIS D 262 40.16 2.17 -3.51
N GLY D 263 39.91 0.99 -4.09
CA GLY D 263 39.22 -0.11 -3.40
C GLY D 263 37.74 0.05 -3.03
N LEU D 264 37.02 1.01 -3.61
CA LEU D 264 35.56 1.12 -3.36
C LEU D 264 34.80 0.07 -4.14
N THR D 265 33.68 -0.40 -3.60
CA THR D 265 32.88 -1.41 -4.30
C THR D 265 32.03 -0.72 -5.35
N PRO D 266 31.63 -1.47 -6.39
CA PRO D 266 30.73 -0.88 -7.39
C PRO D 266 29.45 -0.33 -6.75
N GLN D 267 28.89 -1.04 -5.78
CA GLN D 267 27.66 -0.56 -5.12
C GLN D 267 27.89 0.74 -4.33
N GLN D 268 29.10 0.91 -3.82
CA GLN D 268 29.44 2.18 -3.19
C GLN D 268 29.53 3.33 -4.18
N VAL D 269 30.11 3.09 -5.36
CA VAL D 269 30.20 4.10 -6.40
C VAL D 269 28.83 4.58 -6.87
N VAL D 270 27.97 3.61 -7.19
CA VAL D 270 26.58 3.82 -7.56
C VAL D 270 25.84 4.68 -6.53
N ALA D 271 25.95 4.29 -5.26
CA ALA D 271 25.31 5.03 -4.18
C ALA D 271 25.75 6.50 -4.14
N ILE D 272 27.01 6.75 -4.43
CA ILE D 272 27.49 8.11 -4.46
C ILE D 272 26.94 8.79 -5.71
N ALA D 273 26.90 8.07 -6.84
CA ALA D 273 26.42 8.63 -8.10
C ALA D 273 24.92 8.94 -8.07
N SER D 274 24.18 8.22 -7.29
CA SER D 274 22.71 8.33 -7.29
C SER D 274 22.17 9.46 -6.41
N ASN D 275 22.69 10.67 -6.59
CA ASN D 275 22.12 11.82 -5.91
C ASN D 275 22.29 12.97 -6.83
N ASN D 276 21.48 14.02 -6.65
CA ASN D 276 21.75 15.29 -7.35
C ASN D 276 23.22 15.57 -7.21
N GLY D 277 23.84 16.08 -8.25
CA GLY D 277 25.26 16.39 -8.19
C GLY D 277 26.19 15.18 -8.07
N GLY D 278 25.66 14.00 -8.36
CA GLY D 278 26.43 12.76 -8.37
C GLY D 278 27.80 12.89 -9.03
N LYS D 279 27.86 13.54 -10.17
CA LYS D 279 29.13 13.73 -10.87
C LYS D 279 30.12 14.46 -9.98
N GLN D 280 29.63 15.48 -9.30
CA GLN D 280 30.45 16.32 -8.44
C GLN D 280 30.99 15.50 -7.28
N ALA D 281 30.10 14.74 -6.66
CA ALA D 281 30.48 13.88 -5.54
C ALA D 281 31.50 12.83 -5.96
N LEU D 282 31.29 12.14 -7.07
CA LEU D 282 32.25 11.13 -7.52
C LEU D 282 33.64 11.70 -7.71
N GLU D 283 33.73 12.83 -8.41
CA GLU D 283 35.03 13.48 -8.62
C GLU D 283 35.71 13.90 -7.32
N THR D 284 34.94 14.51 -6.43
CA THR D 284 35.44 14.88 -5.12
C THR D 284 35.90 13.70 -4.32
N VAL D 285 35.21 12.58 -4.35
CA VAL D 285 35.68 11.40 -3.62
C VAL D 285 36.99 10.88 -4.14
N GLN D 286 37.11 10.79 -5.46
CA GLN D 286 38.37 10.37 -6.04
C GLN D 286 39.55 11.24 -5.61
N ARG D 287 39.34 12.55 -5.54
CA ARG D 287 40.45 13.50 -5.30
C ARG D 287 40.80 13.50 -3.82
N LEU D 288 39.78 13.51 -2.96
CA LEU D 288 39.95 13.70 -1.52
C LEU D 288 40.06 12.43 -0.69
N LEU D 289 39.93 11.25 -1.29
CA LEU D 289 39.96 10.02 -0.49
C LEU D 289 41.24 9.94 0.28
N PRO D 290 42.37 10.16 -0.41
CA PRO D 290 43.65 10.13 0.34
C PRO D 290 43.77 11.15 1.50
N VAL D 291 43.59 12.45 1.29
CA VAL D 291 43.66 13.38 2.45
C VAL D 291 42.70 12.92 3.58
N LEU D 292 41.55 12.38 3.20
CA LEU D 292 40.57 12.07 4.20
C LEU D 292 40.92 10.84 5.01
N CYS D 293 41.61 9.89 4.41
CA CYS D 293 41.95 8.66 5.11
C CYS D 293 43.32 8.67 5.80
N GLN D 294 44.29 9.45 5.33
CA GLN D 294 45.59 9.59 6.02
C GLN D 294 45.76 11.06 6.39
N ALA D 295 45.80 11.38 7.68
CA ALA D 295 45.41 12.73 8.17
C ALA D 295 43.92 12.68 8.30
N HIS D 296 43.35 13.15 9.40
CA HIS D 296 41.88 13.07 9.59
C HIS D 296 41.50 11.65 9.91
N GLY D 297 41.98 10.74 9.09
CA GLY D 297 41.94 9.35 9.44
C GLY D 297 40.55 8.80 9.41
N LEU D 298 39.76 9.15 8.38
CA LEU D 298 38.44 8.50 8.21
C LEU D 298 38.59 7.16 7.52
N THR D 299 37.60 6.32 7.74
CA THR D 299 37.50 5.07 7.01
C THR D 299 36.88 5.42 5.65
N PRO D 300 37.12 4.57 4.64
CA PRO D 300 36.40 4.79 3.40
C PRO D 300 34.87 4.72 3.51
N GLN D 301 34.33 3.84 4.36
CA GLN D 301 32.87 3.83 4.65
C GLN D 301 32.37 5.21 4.99
N GLN D 302 33.09 5.92 5.85
CA GLN D 302 32.70 7.26 6.27
C GLN D 302 32.78 8.31 5.17
N VAL D 303 33.75 8.17 4.26
CA VAL D 303 33.88 9.07 3.15
C VAL D 303 32.69 8.85 2.20
N VAL D 304 32.42 7.60 1.89
CA VAL D 304 31.22 7.24 1.12
C VAL D 304 29.94 7.80 1.77
N ALA D 305 29.78 7.56 3.05
CA ALA D 305 28.58 8.07 3.75
C ALA D 305 28.44 9.59 3.63
N ILE D 306 29.55 10.35 3.75
CA ILE D 306 29.49 11.82 3.57
C ILE D 306 29.16 12.18 2.13
N ALA D 307 29.80 11.48 1.20
CA ALA D 307 29.55 11.67 -0.22
C ALA D 307 28.15 11.33 -0.68
N SER D 308 27.48 10.38 -0.02
CA SER D 308 26.21 9.83 -0.57
C SER D 308 24.99 10.66 -0.26
N HIS D 309 25.07 11.97 -0.38
CA HIS D 309 23.90 12.83 -0.25
C HIS D 309 24.01 13.90 -1.29
N ASP D 310 22.88 14.47 -1.68
CA ASP D 310 22.85 15.72 -2.40
C ASP D 310 23.88 16.69 -1.77
N GLY D 311 24.69 17.33 -2.60
CA GLY D 311 25.66 18.31 -2.12
C GLY D 311 26.87 17.65 -1.50
N GLY D 312 26.98 16.34 -1.72
CA GLY D 312 28.06 15.54 -1.16
C GLY D 312 29.45 16.13 -1.36
N LYS D 313 29.65 16.77 -2.50
CA LYS D 313 30.94 17.40 -2.79
C LYS D 313 31.20 18.52 -1.79
N GLN D 314 30.17 19.31 -1.51
CA GLN D 314 30.31 20.42 -0.57
C GLN D 314 30.62 19.93 0.84
N ALA D 315 29.88 18.90 1.28
CA ALA D 315 30.17 18.23 2.57
C ALA D 315 31.61 17.77 2.72
N LEU D 316 32.13 17.07 1.73
CA LEU D 316 33.50 16.56 1.78
C LEU D 316 34.58 17.66 1.83
N GLU D 317 34.44 18.68 0.99
CA GLU D 317 35.35 19.81 1.05
C GLU D 317 35.25 20.62 2.34
N THR D 318 34.06 20.70 2.93
CA THR D 318 33.93 21.34 4.22
C THR D 318 34.56 20.49 5.30
N VAL D 319 34.34 19.17 5.25
CA VAL D 319 34.97 18.25 6.20
C VAL D 319 36.48 18.37 6.14
N GLN D 320 37.02 18.41 4.93
CA GLN D 320 38.47 18.46 4.79
C GLN D 320 39.03 19.78 5.40
N ARG D 321 38.23 20.83 5.32
CA ARG D 321 38.64 22.11 5.81
C ARG D 321 38.47 22.25 7.32
N LEU D 322 37.40 21.68 7.88
CA LEU D 322 37.07 21.94 9.28
C LEU D 322 37.30 20.79 10.24
N LEU D 323 37.54 19.60 9.74
CA LEU D 323 37.72 18.48 10.65
C LEU D 323 38.81 18.80 11.67
N PRO D 324 40.00 19.27 11.21
CA PRO D 324 41.07 19.58 12.18
C PRO D 324 40.73 20.61 13.24
N VAL D 325 40.10 21.71 12.87
CA VAL D 325 39.79 22.75 13.86
C VAL D 325 38.68 22.27 14.82
N LEU D 326 37.64 21.67 14.25
CA LEU D 326 36.51 21.19 15.06
C LEU D 326 36.95 20.17 16.10
N CYS D 327 37.81 19.24 15.69
CA CYS D 327 38.36 18.26 16.63
C CYS D 327 39.26 18.91 17.66
N GLN D 328 40.18 19.75 17.20
CA GLN D 328 41.26 20.27 18.05
C GLN D 328 40.79 21.46 18.89
N ALA D 329 40.17 22.44 18.26
CA ALA D 329 39.81 23.67 18.96
C ALA D 329 38.47 23.59 19.69
N HIS D 330 37.55 22.72 19.25
CA HIS D 330 36.23 22.66 19.87
C HIS D 330 35.96 21.33 20.57
N GLY D 331 36.89 20.39 20.44
CA GLY D 331 36.84 19.14 21.21
C GLY D 331 36.04 17.99 20.65
N LEU D 332 35.61 18.07 19.40
CA LEU D 332 34.80 16.99 18.82
C LEU D 332 35.64 15.83 18.32
N THR D 333 35.00 14.67 18.14
CA THR D 333 35.64 13.52 17.54
C THR D 333 35.31 13.46 16.05
N PRO D 334 36.13 12.76 15.26
CA PRO D 334 35.78 12.62 13.83
C PRO D 334 34.39 12.00 13.63
N GLN D 335 34.09 10.98 14.42
CA GLN D 335 32.80 10.32 14.38
C GLN D 335 31.66 11.34 14.47
N GLN D 336 31.82 12.36 15.30
CA GLN D 336 30.82 13.42 15.38
C GLN D 336 30.79 14.31 14.17
N VAL D 337 31.96 14.67 13.68
CA VAL D 337 32.03 15.48 12.48
C VAL D 337 31.38 14.75 11.30
N VAL D 338 31.66 13.47 11.16
CA VAL D 338 31.05 12.70 10.10
C VAL D 338 29.53 12.69 10.17
N ALA D 339 29.02 12.51 11.38
CA ALA D 339 27.57 12.45 11.59
C ALA D 339 26.90 13.78 11.26
N ILE D 340 27.57 14.89 11.55
CA ILE D 340 27.07 16.21 11.13
C ILE D 340 27.12 16.38 9.61
N ALA D 341 28.16 15.87 8.98
CA ALA D 341 28.35 16.01 7.55
C ALA D 341 27.45 15.10 6.71
N SER D 342 27.11 13.90 7.21
CA SER D 342 26.32 12.92 6.41
C SER D 342 24.81 13.18 6.41
N ASN D 343 24.43 14.43 6.10
CA ASN D 343 23.09 14.78 5.76
C ASN D 343 23.08 15.78 4.60
N ASN D 344 21.93 15.96 4.01
CA ASN D 344 21.76 17.02 3.05
C ASN D 344 22.17 18.33 3.70
N GLY D 345 23.02 19.10 3.03
CA GLY D 345 23.45 20.37 3.61
C GLY D 345 24.46 20.18 4.73
N GLY D 346 25.16 19.05 4.69
CA GLY D 346 26.30 18.83 5.59
C GLY D 346 27.22 20.03 5.72
N LYS D 347 27.53 20.67 4.60
CA LYS D 347 28.39 21.83 4.63
C LYS D 347 27.81 22.92 5.50
N GLN D 348 26.51 23.13 5.40
CA GLN D 348 25.86 24.20 6.13
C GLN D 348 25.87 23.95 7.65
N ALA D 349 25.60 22.70 8.05
CA ALA D 349 25.61 22.33 9.46
C ALA D 349 26.97 22.51 10.07
N LEU D 350 27.98 21.99 9.39
CA LEU D 350 29.36 22.10 9.84
C LEU D 350 29.78 23.55 10.03
N GLU D 351 29.65 24.36 8.99
CA GLU D 351 29.94 25.78 9.14
C GLU D 351 29.20 26.36 10.35
N THR D 352 27.92 26.02 10.52
CA THR D 352 27.14 26.62 11.59
C THR D 352 27.62 26.19 13.00
N VAL D 353 27.77 24.89 13.22
CA VAL D 353 28.35 24.41 14.50
C VAL D 353 29.68 25.12 14.79
N GLN D 354 30.51 25.35 13.77
CA GLN D 354 31.76 26.04 13.98
C GLN D 354 31.55 27.39 14.62
N ARG D 355 30.68 28.22 14.04
CA ARG D 355 30.44 29.53 14.63
C ARG D 355 29.49 29.52 15.86
N LEU D 356 28.97 28.36 16.31
CA LEU D 356 27.98 28.33 17.40
C LEU D 356 28.21 27.34 18.54
N PRO D 358 30.55 27.18 20.45
CA PRO D 358 31.03 27.90 21.65
C PRO D 358 30.02 28.89 22.21
N VAL D 359 29.36 29.63 21.33
CA VAL D 359 28.35 30.60 21.73
C VAL D 359 27.22 29.91 22.51
N LEU D 360 27.06 28.60 22.27
CA LEU D 360 26.23 27.73 23.06
C LEU D 360 27.14 26.90 23.95
N GLY D 365 24.24 27.79 27.78
CA GLY D 365 24.69 26.59 28.49
C GLY D 365 24.10 25.29 27.97
N LEU D 366 24.40 24.93 26.73
CA LEU D 366 24.16 23.57 26.24
C LEU D 366 25.47 22.80 26.18
N THR D 367 25.40 21.49 26.30
CA THR D 367 26.58 20.66 26.21
C THR D 367 26.96 20.49 24.75
N PRO D 368 28.25 20.20 24.50
CA PRO D 368 28.69 19.82 23.15
C PRO D 368 27.88 18.66 22.58
N GLU D 369 27.62 17.62 23.38
CA GLU D 369 26.96 16.44 22.86
C GLU D 369 25.51 16.78 22.42
N GLN D 370 24.94 17.82 23.02
CA GLN D 370 23.62 18.30 22.63
C GLN D 370 23.64 19.08 21.32
N VAL D 371 24.65 19.91 21.16
CA VAL D 371 24.79 20.70 19.96
C VAL D 371 25.04 19.76 18.80
N VAL D 372 25.80 18.70 19.04
CA VAL D 372 26.05 17.75 17.96
C VAL D 372 24.74 17.09 17.56
N ALA D 373 23.96 16.62 18.53
CA ALA D 373 22.68 15.98 18.21
C ALA D 373 21.77 16.84 17.34
N ILE D 374 21.78 18.15 17.56
CA ILE D 374 20.98 19.06 16.76
C ILE D 374 21.49 19.14 15.31
N ALA D 375 22.79 19.32 15.17
CA ALA D 375 23.40 19.46 13.87
C ALA D 375 23.51 18.13 13.11
N SER D 376 23.37 17.00 13.79
CA SER D 376 23.43 15.69 13.13
C SER D 376 22.16 15.32 12.34
N ASN D 377 21.33 16.28 11.95
CA ASN D 377 20.17 16.00 11.10
C ASN D 377 20.17 16.86 9.85
N GLY D 378 19.39 16.47 8.84
CA GLY D 378 19.13 17.30 7.67
C GLY D 378 18.54 18.60 8.23
N GLY D 379 19.06 19.73 7.74
CA GLY D 379 18.67 21.05 8.21
C GLY D 379 19.35 21.56 9.48
N GLY D 380 20.52 21.03 9.80
CA GLY D 380 21.23 21.41 11.02
C GLY D 380 21.38 22.90 11.19
N LYS D 381 21.85 23.56 10.13
CA LYS D 381 22.00 24.99 10.19
C LYS D 381 20.68 25.62 10.62
N GLN D 382 19.56 25.18 10.05
CA GLN D 382 18.28 25.76 10.39
C GLN D 382 17.92 25.51 11.86
N ALA D 383 18.31 24.35 12.39
CA ALA D 383 17.93 23.97 13.75
C ALA D 383 18.66 24.81 14.80
N LEU D 384 19.99 24.88 14.65
CA LEU D 384 20.84 25.64 15.59
C LEU D 384 20.53 27.15 15.68
N THR D 386 18.12 28.63 15.06
CA THR D 386 16.79 28.85 15.58
C THR D 386 16.74 28.54 17.09
N VAL D 387 17.51 27.55 17.54
CA VAL D 387 17.67 27.27 18.96
C VAL D 387 18.34 28.45 19.61
N GLN D 388 19.36 28.99 18.93
CA GLN D 388 20.01 30.21 19.38
C GLN D 388 19.02 31.33 19.58
N ARG D 389 18.19 31.58 18.58
CA ARG D 389 17.20 32.64 18.68
C ARG D 389 16.10 32.34 19.71
N LEU D 390 15.57 31.11 19.73
CA LEU D 390 14.32 30.84 20.41
C LEU D 390 14.42 30.17 21.77
N LEU D 391 15.56 29.57 22.07
CA LEU D 391 15.79 29.03 23.40
C LEU D 391 15.45 30.05 24.53
N PRO D 392 15.95 31.30 24.45
CA PRO D 392 15.63 32.24 25.54
C PRO D 392 14.16 32.61 25.69
N VAL D 393 13.44 32.85 24.59
CA VAL D 393 12.03 33.24 24.69
C VAL D 393 11.16 32.05 25.09
N LEU D 394 11.50 30.85 24.60
CA LEU D 394 11.00 29.60 25.19
C LEU D 394 11.72 29.57 26.54
N CYS D 395 11.13 29.03 27.60
CA CYS D 395 11.69 29.29 28.98
C CYS D 395 11.43 30.73 29.40
N ALA D 397 9.60 33.04 29.03
CA ALA D 397 8.19 33.03 28.60
C ALA D 397 7.46 31.75 29.03
N HIS D 398 8.02 30.59 28.73
CA HIS D 398 7.53 29.35 29.34
C HIS D 398 8.56 28.21 29.41
N LEU D 400 12.35 24.89 29.43
CA LEU D 400 13.43 24.02 29.92
C LEU D 400 14.51 23.83 28.86
N THR D 401 14.99 22.60 28.69
CA THR D 401 15.70 22.18 27.49
C THR D 401 15.31 20.72 27.15
N PRO D 402 14.07 20.54 26.65
CA PRO D 402 13.76 19.55 25.66
C PRO D 402 13.86 20.24 24.30
N GLU D 403 15.10 20.47 23.86
CA GLU D 403 15.43 20.79 22.51
C GLU D 403 16.52 19.81 22.04
N VAL D 405 14.73 17.20 22.58
CA VAL D 405 13.80 16.37 21.82
C VAL D 405 13.46 17.15 20.60
N VAL D 406 12.93 18.36 20.84
CA VAL D 406 12.47 19.19 19.77
C VAL D 406 13.79 19.48 19.07
N ALA D 407 13.77 19.88 17.82
CA ALA D 407 15.01 20.25 17.17
C ALA D 407 16.01 19.11 17.16
N ALA D 409 17.01 16.87 17.55
CA ALA D 409 16.91 16.05 16.34
C ALA D 409 15.47 15.68 15.98
N SER D 410 14.84 14.95 16.92
CA SER D 410 13.55 14.31 16.73
C SER D 410 13.42 13.70 15.35
N ASP D 412 15.05 16.30 12.10
CA ASP D 412 14.83 16.91 10.77
C ASP D 412 13.65 17.88 10.91
N GLY D 413 13.89 19.17 10.61
CA GLY D 413 12.96 20.26 10.98
C GLY D 413 13.25 21.09 12.24
N GLY D 414 14.04 22.18 12.05
CA GLY D 414 14.20 23.35 12.97
C GLY D 414 13.08 24.33 12.70
N LYS D 415 11.92 23.83 13.12
CA LYS D 415 10.57 24.18 12.71
C LYS D 415 9.57 23.65 13.78
N GLN D 416 10.08 23.53 15.00
CA GLN D 416 9.36 23.44 16.28
C GLN D 416 8.37 24.55 16.51
N ALA D 417 8.85 25.80 16.31
CA ALA D 417 8.08 27.06 16.33
C ALA D 417 6.69 26.88 15.67
N LEU D 418 6.64 25.92 14.74
CA LEU D 418 5.43 25.36 14.14
C LEU D 418 4.86 24.43 15.16
N THR D 420 5.16 25.54 17.85
CA THR D 420 5.38 25.53 19.32
C THR D 420 5.27 26.93 19.90
N VAL D 421 6.14 27.86 19.48
CA VAL D 421 5.92 29.27 19.86
C VAL D 421 4.48 29.62 19.53
N GLN D 422 4.08 29.33 18.30
CA GLN D 422 2.71 29.45 17.88
C GLN D 422 1.92 28.23 18.37
N LEU D 424 0.97 26.23 21.03
CA LEU D 424 1.20 25.68 22.38
C LEU D 424 0.41 26.42 23.42
N LEU D 425 0.29 27.71 23.20
CA LEU D 425 -0.43 28.61 24.08
C LEU D 425 -1.92 28.19 24.08
N PRO D 426 -2.54 28.03 22.87
CA PRO D 426 -3.86 27.34 22.76
C PRO D 426 -3.86 25.89 23.27
N VAL D 427 -2.87 25.12 22.83
CA VAL D 427 -2.80 23.71 23.23
C VAL D 427 -2.89 23.59 24.75
N LEU D 428 -2.22 24.48 25.47
CA LEU D 428 -2.27 24.41 26.93
C LEU D 428 -3.59 24.91 27.53
N CYS D 429 -4.22 25.93 26.93
CA CYS D 429 -5.40 26.57 27.55
C CYS D 429 -6.78 26.27 26.92
N PRO D 436 -3.28 12.40 20.49
CA PRO D 436 -2.65 12.67 21.78
C PRO D 436 -1.24 12.05 21.87
N GLN D 437 -1.08 11.01 22.69
CA GLN D 437 -0.03 10.04 22.58
C GLN D 437 -0.58 9.29 21.40
N GLN D 438 0.13 9.25 20.28
CA GLN D 438 -0.43 8.83 18.99
C GLN D 438 0.04 9.74 17.88
N VAL D 439 -0.31 11.00 18.00
CA VAL D 439 0.42 12.04 17.30
C VAL D 439 1.87 12.01 17.74
N VAL D 440 2.12 11.68 19.02
CA VAL D 440 3.51 11.44 19.46
C VAL D 440 4.11 10.25 18.67
N ALA D 441 3.34 9.16 18.57
CA ALA D 441 3.70 7.94 17.82
C ALA D 441 3.48 8.15 16.34
N ALA D 443 2.07 11.18 13.54
CA ALA D 443 1.06 12.19 13.12
C ALA D 443 0.21 11.83 11.87
N PRO D 450 3.72 19.65 12.16
CA PRO D 450 2.55 19.16 11.38
C PRO D 450 1.69 18.26 12.21
N ALA D 451 2.34 17.36 12.94
CA ALA D 451 1.73 16.71 14.07
C ALA D 451 0.93 17.72 14.96
N LEU D 452 1.52 18.89 15.23
CA LEU D 452 0.90 19.94 16.07
C LEU D 452 -0.21 20.69 15.33
N SER D 454 -2.15 19.24 13.21
CA SER D 454 -3.13 18.19 12.92
C SER D 454 -3.91 17.92 14.15
N ILE D 455 -3.16 17.81 15.25
CA ILE D 455 -3.69 18.05 16.58
C ILE D 455 -4.02 19.54 16.42
N VAL D 456 -4.68 20.17 17.37
CA VAL D 456 -4.98 21.60 17.23
C VAL D 456 -6.08 21.80 16.23
N ALA D 457 -5.85 21.40 14.99
CA ALA D 457 -6.90 21.40 14.00
C ALA D 457 -7.99 20.50 14.55
N GLN D 458 -7.67 19.25 14.88
CA GLN D 458 -8.65 18.40 15.58
C GLN D 458 -8.66 18.70 17.07
N SER D 460 -11.36 21.24 18.21
CA SER D 460 -12.33 21.76 17.24
C SER D 460 -13.41 20.74 16.85
N1 5CM E 9 22.27 21.37 -8.47
C2 5CM E 9 21.44 22.37 -7.97
N3 5CM E 9 20.11 22.31 -8.12
C4 5CM E 9 19.55 21.29 -8.77
C5 5CM E 9 20.42 20.18 -9.33
C5A 5CM E 9 19.96 18.94 -10.07
C6 5CM E 9 21.78 20.29 -9.14
O2 5CM E 9 21.92 23.34 -7.37
N4 5CM E 9 18.23 21.30 -8.90
C1' 5CM E 9 23.71 21.46 -8.30
C2' 5CM E 9 24.32 20.31 -7.54
C3' 5CM E 9 25.75 20.30 -8.04
C4' 5CM E 9 25.74 21.13 -9.34
O4' 5CM E 9 24.36 21.44 -9.57
O3' 5CM E 9 26.68 20.95 -7.17
C5' 5CM E 9 26.31 20.43 -10.54
O5' 5CM E 9 25.64 19.19 -10.74
P 5CM E 9 26.01 18.33 -12.04
OP1 5CM E 9 27.49 18.24 -12.22
OP2 5CM E 9 25.18 17.04 -11.98
#